data_8AD8
#
_entry.id   8AD8
#
_cell.length_a   137.200
_cell.length_b   137.200
_cell.length_c   143.800
_cell.angle_alpha   90.00
_cell.angle_beta   90.00
_cell.angle_gamma   120.00
#
_symmetry.space_group_name_H-M   'P 64'
#
loop_
_entity.id
_entity.type
_entity.pdbx_description
1 polymer 'Tryptophan 6-halogenase'
2 non-polymer GLYCEROL
3 non-polymer D-tryptophyl-L-serine
4 non-polymer 'PHOSPHATE ION'
5 water water
#
_entity_poly.entity_id   1
_entity_poly.type   'polypeptide(L)'
_entity_poly.pdbx_seq_one_letter_code
;GAMGDNRIKTVVILGGGTAGWMTAAYLGKALQNTVKIVVLEAPTIPRIGVGEATVPNLQRAFFDYLGIPEEEWMRECNAS
YKMAVKFINWRTPGEGSPDPRTLDDGHTDTFHHPFGLLPSADQIPLSHYWAAKRLQGETDENFDEACFADTAIMNAKKAP
RFLDMRRATNYAWHFDASKVAAFLRNFAVTKQAVEHVEDEMTEVLTDERGFITALRTKSGRILQGDLFVDCSGFRGLLIN
KAMEEPFIDMSDHLLCNSAVATAVPHDDEKNGVEPYTSSIAMEAGWTWKIPMLGRFGSGHVYSDHFATQDEATLAFSKLW
GLDPDNTEFNHVRFRVGRNRRAWVRNCVSVGLASCFVEPLESSGIYFIYAAIHMLAKHFPDKTFDKVLVDRFNREIEEMF
DDTRDFLQAHYYFSPRVDTPFWRANKELKLADSIKDKVETYRAGLPVNLPVTDEGTYYGNFEAEFRNFWTNGSYYCIFAG
LGLMPRNPLPALAYKPQSIAEAELLFADVKRKGDTLVESLPSTYDLLRQLHGAS
;
_entity_poly.pdbx_strand_id   A,B
#
loop_
_chem_comp.id
_chem_comp.type
_chem_comp.name
_chem_comp.formula
GOL non-polymer GLYCEROL 'C3 H8 O3'
PO4 non-polymer 'PHOSPHATE ION' 'O4 P -3'
#
# COMPACT_ATOMS: atom_id res chain seq x y z
N ASP A 5 11.21 33.88 -11.74
CA ASP A 5 10.65 33.44 -10.42
C ASP A 5 9.11 33.44 -10.48
N ASN A 6 8.53 32.33 -10.91
CA ASN A 6 7.08 32.09 -11.08
C ASN A 6 6.44 31.64 -9.74
N ARG A 7 7.21 31.62 -8.65
CA ARG A 7 6.82 31.05 -7.34
C ARG A 7 5.67 31.81 -6.71
N ILE A 8 4.89 31.11 -5.90
CA ILE A 8 4.06 31.67 -4.81
C ILE A 8 5.00 32.48 -3.90
N LYS A 9 4.61 33.71 -3.60
CA LYS A 9 5.43 34.61 -2.74
C LYS A 9 4.76 34.77 -1.37
N THR A 10 3.43 34.68 -1.32
CA THR A 10 2.62 34.87 -0.08
C THR A 10 1.47 33.86 0.01
N VAL A 11 1.42 33.13 1.12
CA VAL A 11 0.29 32.23 1.49
C VAL A 11 -0.52 32.94 2.57
N VAL A 12 -1.82 33.13 2.33
CA VAL A 12 -2.77 33.70 3.32
C VAL A 12 -3.64 32.55 3.82
N ILE A 13 -3.59 32.27 5.11
CA ILE A 13 -4.43 31.25 5.80
C ILE A 13 -5.58 32.03 6.46
N LEU A 14 -6.82 31.76 6.10
CA LEU A 14 -7.98 32.34 6.80
C LEU A 14 -8.39 31.42 7.96
N GLY A 15 -8.57 31.96 9.16
CA GLY A 15 -8.99 31.22 10.37
C GLY A 15 -7.80 30.62 11.13
N GLY A 16 -7.90 30.56 12.46
CA GLY A 16 -6.88 29.94 13.33
C GLY A 16 -7.30 28.56 13.82
N GLY A 17 -7.31 28.32 15.14
CA GLY A 17 -7.59 27.00 15.72
C GLY A 17 -6.55 25.98 15.27
N THR A 18 -6.72 24.72 15.68
CA THR A 18 -5.88 23.59 15.20
C THR A 18 -5.57 23.76 13.72
N ALA A 19 -6.58 23.88 12.85
CA ALA A 19 -6.44 23.79 11.38
C ALA A 19 -5.49 24.87 10.84
N GLY A 20 -5.75 26.15 11.15
CA GLY A 20 -4.96 27.29 10.65
C GLY A 20 -3.52 27.26 11.15
N TRP A 21 -3.32 26.98 12.42
CA TRP A 21 -1.95 27.09 13.01
C TRP A 21 -1.15 25.82 12.69
N MET A 22 -1.78 24.65 12.60
CA MET A 22 -1.09 23.46 12.07
C MET A 22 -0.62 23.78 10.64
N THR A 23 -1.46 24.44 9.82
CA THR A 23 -1.14 24.76 8.40
C THR A 23 0.03 25.76 8.40
N ALA A 24 -0.06 26.80 9.21
CA ALA A 24 0.96 27.88 9.27
C ALA A 24 2.31 27.26 9.67
N ALA A 25 2.32 26.41 10.69
CA ALA A 25 3.56 25.86 11.26
C ALA A 25 4.18 24.91 10.25
N TYR A 26 3.37 24.01 9.69
CA TYR A 26 3.85 22.98 8.74
C TYR A 26 4.44 23.71 7.53
N LEU A 27 3.67 24.61 6.90
CA LEU A 27 4.10 25.34 5.66
C LEU A 27 5.33 26.20 5.98
N GLY A 28 5.39 26.76 7.20
CA GLY A 28 6.55 27.49 7.74
C GLY A 28 7.80 26.68 7.53
N LYS A 29 7.84 25.46 8.04
CA LYS A 29 8.99 24.52 7.96
C LYS A 29 9.15 24.00 6.52
N ALA A 30 8.08 23.51 5.91
CA ALA A 30 8.10 22.88 4.58
C ALA A 30 8.69 23.84 3.55
N LEU A 31 8.36 25.13 3.60
CA LEU A 31 8.69 26.07 2.50
C LEU A 31 9.94 26.89 2.83
N GLN A 32 10.53 26.70 4.02
CA GLN A 32 11.93 27.10 4.35
C GLN A 32 12.16 28.60 4.12
N ASN A 33 11.18 29.44 4.53
CA ASN A 33 11.29 30.93 4.51
C ASN A 33 11.52 31.43 3.07
N THR A 34 10.97 30.75 2.05
CA THR A 34 10.95 31.22 0.63
C THR A 34 9.56 31.79 0.29
N VAL A 35 8.68 31.79 1.30
CA VAL A 35 7.24 32.17 1.19
C VAL A 35 6.83 32.88 2.49
N LYS A 36 6.24 34.06 2.37
CA LYS A 36 5.61 34.82 3.48
C LYS A 36 4.28 34.14 3.84
N ILE A 37 4.03 33.89 5.12
CA ILE A 37 2.78 33.20 5.59
C ILE A 37 2.04 34.13 6.56
N VAL A 38 0.77 34.41 6.26
CA VAL A 38 -0.13 35.29 7.06
C VAL A 38 -1.32 34.45 7.51
N VAL A 39 -1.68 34.54 8.79
CA VAL A 39 -2.92 33.97 9.37
C VAL A 39 -3.84 35.16 9.69
N LEU A 40 -5.13 35.02 9.36
CA LEU A 40 -6.18 36.02 9.63
C LEU A 40 -7.26 35.38 10.52
N GLU A 41 -7.18 35.59 11.84
CA GLU A 41 -7.97 34.88 12.87
C GLU A 41 -8.84 35.89 13.61
N ALA A 42 -10.16 35.70 13.61
CA ALA A 42 -11.14 36.55 14.33
C ALA A 42 -10.75 36.58 15.81
N PRO A 43 -11.11 37.62 16.61
CA PRO A 43 -10.94 37.57 18.05
C PRO A 43 -11.74 36.38 18.63
N THR A 44 -11.15 35.61 19.55
CA THR A 44 -11.62 34.27 20.01
C THR A 44 -12.33 34.39 21.39
N ILE A 45 -13.66 34.32 21.44
CA ILE A 45 -14.47 34.21 22.71
C ILE A 45 -14.16 32.84 23.32
N PRO A 46 -13.44 32.74 24.47
CA PRO A 46 -13.05 31.42 24.99
C PRO A 46 -14.22 30.42 25.18
N ARG A 47 -14.21 29.30 24.45
CA ARG A 47 -15.10 28.11 24.69
C ARG A 47 -14.51 27.29 25.84
N ILE A 48 -15.26 26.32 26.36
CA ILE A 48 -14.77 25.33 27.37
C ILE A 48 -14.00 24.22 26.62
N GLY A 49 -12.96 23.63 27.23
CA GLY A 49 -12.03 22.66 26.62
C GLY A 49 -12.57 21.23 26.55
N VAL A 50 -13.36 20.93 25.52
CA VAL A 50 -14.25 19.72 25.39
C VAL A 50 -13.43 18.50 24.95
N GLY A 51 -12.13 18.66 24.68
CA GLY A 51 -11.21 17.52 24.52
C GLY A 51 -11.18 17.01 23.09
N GLU A 52 -10.01 16.56 22.67
CA GLU A 52 -9.73 16.08 21.30
C GLU A 52 -8.83 14.85 21.42
N ALA A 53 -9.24 13.75 20.79
CA ALA A 53 -8.46 12.51 20.66
C ALA A 53 -7.75 12.53 19.31
N THR A 54 -6.62 11.82 19.22
CA THR A 54 -5.79 11.69 18.00
C THR A 54 -5.48 10.22 17.71
N VAL A 55 -4.85 9.98 16.57
CA VAL A 55 -4.25 8.68 16.18
C VAL A 55 -2.74 8.82 16.30
N PRO A 56 -1.96 7.72 16.27
CA PRO A 56 -0.55 7.77 16.67
C PRO A 56 0.49 8.40 15.73
N ASN A 57 0.17 8.69 14.46
CA ASN A 57 1.18 9.23 13.51
C ASN A 57 1.37 10.74 13.80
N LEU A 58 0.61 11.32 14.74
CA LEU A 58 0.65 12.79 15.01
C LEU A 58 2.07 13.24 15.32
N GLN A 59 2.83 12.45 16.08
CA GLN A 59 4.22 12.84 16.45
C GLN A 59 5.14 12.61 15.26
N ARG A 60 5.03 11.46 14.61
CA ARG A 60 5.91 11.08 13.46
C ARG A 60 5.74 12.13 12.35
N ALA A 61 4.50 12.50 12.02
CA ALA A 61 4.13 13.15 10.74
C ALA A 61 4.11 14.68 10.87
N PHE A 62 3.95 15.20 12.09
CA PHE A 62 3.72 16.63 12.38
C PHE A 62 4.77 17.17 13.36
N PHE A 63 4.65 16.88 14.66
CA PHE A 63 5.55 17.46 15.70
C PHE A 63 7.01 17.13 15.36
N ASP A 64 7.31 15.93 14.86
CA ASP A 64 8.71 15.54 14.55
C ASP A 64 9.19 16.32 13.31
N TYR A 65 8.31 16.73 12.40
CA TYR A 65 8.69 17.50 11.19
C TYR A 65 9.07 18.90 11.65
N LEU A 66 8.31 19.43 12.61
CA LEU A 66 8.47 20.79 13.20
C LEU A 66 9.68 20.78 14.14
N GLY A 67 10.16 19.59 14.50
CA GLY A 67 11.24 19.37 15.48
C GLY A 67 10.84 19.84 16.87
N ILE A 68 9.57 19.70 17.24
CA ILE A 68 9.06 19.94 18.61
C ILE A 68 9.00 18.60 19.32
N PRO A 69 9.76 18.37 20.40
CA PRO A 69 9.76 17.07 21.08
C PRO A 69 8.41 16.84 21.80
N GLU A 70 8.00 15.58 21.96
CA GLU A 70 6.66 15.18 22.45
C GLU A 70 6.35 15.82 23.81
N GLU A 71 7.31 15.80 24.76
CA GLU A 71 7.11 16.29 26.15
C GLU A 71 6.76 17.78 26.14
N GLU A 72 7.40 18.56 25.26
CA GLU A 72 7.29 20.05 25.23
C GLU A 72 5.85 20.45 24.94
N TRP A 73 5.24 19.86 23.90
CA TRP A 73 3.89 20.23 23.41
C TRP A 73 2.82 19.63 24.34
N MET A 74 3.14 18.46 24.91
CA MET A 74 2.27 17.73 25.88
C MET A 74 2.10 18.60 27.14
N ARG A 75 3.21 19.04 27.74
CA ARG A 75 3.22 19.83 29.00
C ARG A 75 2.43 21.13 28.82
N GLU A 76 2.37 21.66 27.60
CA GLU A 76 1.79 23.01 27.29
C GLU A 76 0.30 22.93 26.97
N CYS A 77 -0.28 21.73 26.75
N CYS A 77 -0.27 21.73 26.76
CA CYS A 77 -1.71 21.56 26.41
CA CYS A 77 -1.70 21.55 26.39
C CYS A 77 -2.40 20.50 27.29
C CYS A 77 -2.40 20.51 27.29
N ASN A 78 -1.82 20.17 28.45
CA ASN A 78 -2.43 19.27 29.50
C ASN A 78 -2.79 17.92 28.86
N ALA A 79 -1.83 17.32 28.16
CA ALA A 79 -2.03 16.17 27.26
C ALA A 79 -2.03 14.88 28.08
N SER A 80 -2.96 13.96 27.80
CA SER A 80 -3.00 12.58 28.35
C SER A 80 -2.79 11.56 27.21
N TYR A 81 -2.60 10.30 27.59
CA TYR A 81 -2.29 9.14 26.72
C TYR A 81 -3.60 8.46 26.31
N LYS A 82 -3.60 7.89 25.08
CA LYS A 82 -4.75 7.18 24.42
C LYS A 82 -4.25 5.90 23.74
N MET A 83 -4.65 4.71 24.22
CA MET A 83 -4.21 3.40 23.67
C MET A 83 -5.28 2.78 22.77
N ALA A 84 -6.49 3.32 22.80
CA ALA A 84 -7.63 2.84 21.99
C ALA A 84 -8.81 3.80 22.06
N VAL A 85 -9.82 3.52 21.23
CA VAL A 85 -11.21 3.96 21.46
C VAL A 85 -11.93 2.73 21.98
N LYS A 86 -12.65 2.87 23.09
CA LYS A 86 -13.35 1.77 23.80
C LYS A 86 -14.85 2.04 23.64
N PHE A 87 -15.61 1.04 23.20
CA PHE A 87 -17.01 1.17 22.76
C PHE A 87 -17.91 0.48 23.79
N ILE A 88 -18.57 1.30 24.59
CA ILE A 88 -19.48 0.91 25.71
C ILE A 88 -20.94 0.93 25.24
N ASN A 89 -21.58 -0.25 25.27
CA ASN A 89 -23.06 -0.44 25.15
C ASN A 89 -23.49 -0.16 23.71
N TRP A 90 -22.73 -0.64 22.72
CA TRP A 90 -23.02 -0.44 21.27
C TRP A 90 -23.88 -1.60 20.77
N ARG A 91 -24.13 -2.62 21.60
CA ARG A 91 -24.80 -3.90 21.22
C ARG A 91 -26.12 -4.08 22.00
N THR A 92 -26.12 -3.68 23.27
CA THR A 92 -27.27 -3.75 24.20
C THR A 92 -28.13 -2.50 24.06
N PRO A 93 -29.46 -2.59 24.29
CA PRO A 93 -30.35 -1.43 24.21
C PRO A 93 -30.51 -0.64 25.53
N GLY A 94 -31.15 0.54 25.43
CA GLY A 94 -31.59 1.38 26.57
C GLY A 94 -30.80 2.68 26.75
N GLU A 95 -31.18 3.45 27.76
CA GLU A 95 -30.58 4.75 28.15
C GLU A 95 -29.05 4.65 28.22
N GLY A 96 -28.35 5.76 27.97
CA GLY A 96 -26.89 5.81 28.11
C GLY A 96 -26.48 5.61 29.55
N SER A 97 -25.37 4.93 29.79
CA SER A 97 -24.69 4.85 31.11
C SER A 97 -23.19 4.61 30.87
N PRO A 98 -22.29 5.18 31.70
CA PRO A 98 -20.85 4.92 31.59
C PRO A 98 -20.48 3.49 31.98
N ASP A 99 -21.40 2.82 32.71
CA ASP A 99 -21.29 1.39 33.10
C ASP A 99 -21.78 0.54 31.93
N PRO A 100 -21.00 -0.45 31.48
CA PRO A 100 -21.41 -1.33 30.40
C PRO A 100 -22.46 -2.36 30.81
N ARG A 101 -23.55 -2.46 30.06
CA ARG A 101 -24.61 -3.51 30.24
C ARG A 101 -24.00 -4.88 30.00
N THR A 102 -24.75 -5.96 30.27
CA THR A 102 -24.30 -7.38 30.05
C THR A 102 -25.10 -7.98 28.90
N LEU A 103 -24.43 -8.61 27.95
CA LEU A 103 -25.07 -9.23 26.74
C LEU A 103 -25.81 -10.50 27.15
N ASP A 104 -26.76 -10.92 26.32
CA ASP A 104 -27.53 -12.18 26.47
C ASP A 104 -26.58 -13.36 26.75
N ASP A 105 -25.36 -13.36 26.19
CA ASP A 105 -24.37 -14.48 26.27
C ASP A 105 -23.41 -14.26 27.44
N GLY A 106 -23.69 -13.26 28.31
CA GLY A 106 -23.03 -13.09 29.62
C GLY A 106 -21.74 -12.28 29.59
N HIS A 107 -21.21 -11.94 28.41
CA HIS A 107 -20.14 -10.93 28.26
C HIS A 107 -20.68 -9.52 28.56
N THR A 108 -19.77 -8.62 28.92
CA THR A 108 -20.00 -7.17 29.10
C THR A 108 -19.85 -6.48 27.75
N ASP A 109 -20.78 -5.55 27.45
CA ASP A 109 -20.81 -4.78 26.18
C ASP A 109 -19.73 -3.70 26.21
N THR A 110 -18.46 -4.12 26.19
CA THR A 110 -17.28 -3.29 25.84
C THR A 110 -16.43 -4.03 24.79
N PHE A 111 -15.96 -3.32 23.78
CA PHE A 111 -14.87 -3.76 22.88
C PHE A 111 -13.92 -2.60 22.59
N HIS A 112 -12.63 -2.92 22.50
CA HIS A 112 -11.53 -1.96 22.24
C HIS A 112 -11.15 -1.96 20.75
N HIS A 113 -10.72 -0.79 20.28
CA HIS A 113 -10.03 -0.57 18.99
C HIS A 113 -8.66 0.00 19.32
N PRO A 114 -7.68 -0.83 19.69
CA PRO A 114 -6.35 -0.35 20.04
C PRO A 114 -5.42 -0.09 18.85
N PHE A 115 -4.24 0.47 19.12
CA PHE A 115 -3.22 0.82 18.09
C PHE A 115 -2.12 -0.25 18.05
N GLY A 116 -2.18 -1.27 18.91
CA GLY A 116 -1.20 -2.37 18.94
C GLY A 116 -1.14 -3.09 17.60
N LEU A 117 -0.02 -3.78 17.36
CA LEU A 117 0.17 -4.59 16.11
C LEU A 117 -0.37 -6.01 16.32
N LEU A 118 -0.82 -6.66 15.25
CA LEU A 118 -1.19 -8.11 15.24
C LEU A 118 -0.01 -8.89 14.73
N PRO A 119 0.46 -9.93 15.46
CA PRO A 119 1.51 -10.81 14.92
C PRO A 119 0.85 -11.77 13.92
N SER A 120 1.65 -12.35 13.04
CA SER A 120 1.21 -13.40 12.08
C SER A 120 1.99 -14.69 12.34
N ALA A 121 1.31 -15.82 12.13
CA ALA A 121 1.89 -17.15 11.92
C ALA A 121 1.56 -17.59 10.49
N ASP A 122 2.54 -18.16 9.80
CA ASP A 122 2.35 -18.76 8.45
C ASP A 122 1.71 -17.71 7.53
N GLN A 123 2.16 -16.46 7.65
CA GLN A 123 1.73 -15.30 6.81
C GLN A 123 0.24 -15.03 7.01
N ILE A 124 -0.39 -15.58 8.07
CA ILE A 124 -1.83 -15.34 8.39
C ILE A 124 -1.90 -14.56 9.70
N PRO A 125 -2.63 -13.43 9.74
CA PRO A 125 -2.69 -12.63 10.96
C PRO A 125 -3.38 -13.41 12.08
N LEU A 126 -3.04 -13.09 13.33
CA LEU A 126 -3.61 -13.72 14.56
C LEU A 126 -5.14 -13.60 14.55
N SER A 127 -5.68 -12.50 14.04
CA SER A 127 -7.14 -12.26 13.99
C SER A 127 -7.85 -13.51 13.47
N HIS A 128 -7.21 -14.23 12.55
CA HIS A 128 -7.84 -15.32 11.76
C HIS A 128 -7.85 -16.63 12.56
N TYR A 129 -6.78 -16.86 13.33
CA TYR A 129 -6.66 -17.98 14.28
C TYR A 129 -7.73 -17.82 15.36
N TRP A 130 -7.83 -16.62 15.93
CA TRP A 130 -8.85 -16.30 16.97
C TRP A 130 -10.26 -16.55 16.43
N ALA A 131 -10.53 -16.14 15.20
CA ALA A 131 -11.88 -16.33 14.60
C ALA A 131 -12.16 -17.84 14.54
N ALA A 132 -11.20 -18.63 14.07
CA ALA A 132 -11.26 -20.10 13.99
C ALA A 132 -11.69 -20.66 15.36
N LYS A 133 -10.91 -20.34 16.39
CA LYS A 133 -11.15 -20.81 17.78
C LYS A 133 -12.55 -20.37 18.22
N ARG A 134 -12.92 -19.10 18.00
CA ARG A 134 -14.18 -18.52 18.52
C ARG A 134 -15.35 -19.25 17.86
N LEU A 135 -15.28 -19.43 16.55
CA LEU A 135 -16.35 -20.02 15.72
C LEU A 135 -16.55 -21.48 16.12
N GLN A 136 -15.46 -22.14 16.52
CA GLN A 136 -15.40 -23.59 16.82
C GLN A 136 -15.50 -23.81 18.33
N GLY A 137 -16.03 -22.84 19.07
CA GLY A 137 -16.23 -22.89 20.55
C GLY A 137 -14.99 -23.19 21.38
N GLU A 138 -13.76 -23.17 20.82
CA GLU A 138 -12.50 -23.57 21.51
C GLU A 138 -11.89 -22.40 22.30
N THR A 139 -12.57 -21.24 22.33
CA THR A 139 -12.27 -20.07 23.20
C THR A 139 -13.55 -19.23 23.38
N ASP A 140 -13.63 -18.52 24.50
CA ASP A 140 -14.72 -17.57 24.84
C ASP A 140 -14.14 -16.18 25.07
N GLU A 141 -12.85 -15.99 24.77
CA GLU A 141 -12.21 -14.65 24.75
C GLU A 141 -12.83 -13.85 23.59
N ASN A 142 -13.05 -12.54 23.81
CA ASN A 142 -13.37 -11.57 22.74
C ASN A 142 -12.08 -11.36 21.93
N PHE A 143 -12.17 -10.82 20.71
CA PHE A 143 -10.97 -10.59 19.84
C PHE A 143 -9.97 -9.68 20.57
N ASP A 144 -10.44 -8.54 21.09
CA ASP A 144 -9.55 -7.47 21.62
C ASP A 144 -8.64 -8.08 22.68
N GLU A 145 -9.21 -8.77 23.68
CA GLU A 145 -8.45 -9.27 24.85
C GLU A 145 -7.52 -10.41 24.44
N ALA A 146 -7.87 -11.23 23.44
CA ALA A 146 -7.09 -12.41 23.04
C ALA A 146 -5.85 -11.99 22.24
N CYS A 147 -5.93 -10.89 21.49
CA CYS A 147 -5.00 -10.57 20.38
C CYS A 147 -4.06 -9.39 20.72
N PHE A 148 -4.51 -8.47 21.57
CA PHE A 148 -3.78 -7.24 21.93
C PHE A 148 -3.48 -7.21 23.44
N ALA A 149 -2.20 -7.28 23.81
CA ALA A 149 -1.74 -7.07 25.21
C ALA A 149 -2.30 -5.75 25.70
N ASP A 150 -2.36 -4.75 24.83
CA ASP A 150 -2.81 -3.37 25.13
C ASP A 150 -4.10 -3.48 25.95
N THR A 151 -4.99 -4.40 25.60
CA THR A 151 -6.35 -4.56 26.21
C THR A 151 -6.25 -4.79 27.73
N ALA A 152 -5.38 -5.69 28.16
CA ALA A 152 -5.12 -6.03 29.58
C ALA A 152 -4.75 -4.74 30.32
N ILE A 153 -3.81 -4.01 29.71
CA ILE A 153 -3.21 -2.74 30.23
C ILE A 153 -4.31 -1.68 30.37
N MET A 154 -5.17 -1.53 29.38
CA MET A 154 -6.26 -0.53 29.42
C MET A 154 -7.27 -0.91 30.52
N ASN A 155 -7.54 -2.21 30.71
CA ASN A 155 -8.46 -2.70 31.78
C ASN A 155 -7.88 -2.31 33.13
N ALA A 156 -6.55 -2.42 33.29
CA ALA A 156 -5.79 -2.07 34.51
C ALA A 156 -5.29 -0.61 34.50
N LYS A 157 -5.92 0.27 33.71
CA LYS A 157 -5.69 1.75 33.70
C LYS A 157 -4.20 2.11 33.71
N LYS A 158 -3.32 1.27 33.15
CA LYS A 158 -1.85 1.50 33.16
C LYS A 158 -1.40 2.41 32.00
N ALA A 159 -0.23 3.01 32.15
CA ALA A 159 0.37 3.95 31.18
C ALA A 159 1.02 3.15 30.07
N PRO A 160 1.18 3.75 28.87
CA PRO A 160 1.88 3.08 27.78
C PRO A 160 3.41 3.24 27.79
N ARG A 161 3.95 3.96 28.77
CA ARG A 161 5.41 4.09 29.03
C ARG A 161 5.66 3.82 30.51
N PHE A 162 6.85 3.33 30.85
CA PHE A 162 7.39 3.27 32.23
C PHE A 162 7.76 4.69 32.71
N LEU A 163 8.02 4.89 34.01
CA LEU A 163 8.37 6.22 34.58
C LEU A 163 9.67 6.74 33.96
N ASP A 164 10.59 5.83 33.63
CA ASP A 164 11.87 6.13 32.94
C ASP A 164 11.61 6.48 31.46
N MET A 165 10.35 6.38 31.01
CA MET A 165 9.84 6.79 29.67
C MET A 165 10.31 5.81 28.58
N ARG A 166 10.67 4.57 28.93
CA ARG A 166 10.75 3.48 27.92
C ARG A 166 9.32 3.19 27.44
N ARG A 167 9.15 2.99 26.14
CA ARG A 167 7.84 2.73 25.48
C ARG A 167 7.40 1.29 25.81
N ALA A 168 6.15 1.09 26.18
CA ALA A 168 5.57 -0.24 26.49
C ALA A 168 4.69 -0.74 25.33
N THR A 169 3.63 0.00 24.98
CA THR A 169 2.81 -0.21 23.76
C THR A 169 2.92 0.97 22.78
N ASN A 170 2.27 0.82 21.63
CA ASN A 170 1.91 1.95 20.74
C ASN A 170 0.92 2.81 21.53
N TYR A 171 0.79 4.10 21.17
CA TYR A 171 -0.23 5.02 21.77
C TYR A 171 -0.37 6.30 20.95
N ALA A 172 -1.44 7.04 21.22
CA ALA A 172 -1.74 8.40 20.72
C ALA A 172 -2.06 9.31 21.92
N TRP A 173 -2.89 10.34 21.71
CA TRP A 173 -2.98 11.53 22.61
C TRP A 173 -4.40 12.06 22.72
N HIS A 174 -4.79 12.44 23.93
CA HIS A 174 -5.89 13.38 24.26
C HIS A 174 -5.26 14.72 24.56
N PHE A 175 -5.93 15.83 24.22
CA PHE A 175 -5.48 17.21 24.57
C PHE A 175 -6.63 18.20 24.42
N ASP A 176 -6.36 19.43 24.87
CA ASP A 176 -7.23 20.62 24.68
C ASP A 176 -6.88 21.25 23.33
N ALA A 177 -7.77 21.13 22.34
CA ALA A 177 -7.58 21.65 20.97
C ALA A 177 -7.06 23.09 21.04
N SER A 178 -7.79 23.98 21.70
CA SER A 178 -7.49 25.43 21.79
C SER A 178 -6.09 25.67 22.38
N LYS A 179 -5.65 24.83 23.33
CA LYS A 179 -4.30 24.99 23.93
C LYS A 179 -3.21 24.58 22.90
N VAL A 180 -3.46 23.55 22.09
CA VAL A 180 -2.50 23.12 21.02
C VAL A 180 -2.40 24.25 19.99
N ALA A 181 -3.55 24.80 19.62
CA ALA A 181 -3.65 25.99 18.74
C ALA A 181 -2.74 27.09 19.28
N ALA A 182 -2.95 27.47 20.53
CA ALA A 182 -2.18 28.50 21.25
C ALA A 182 -0.69 28.16 21.16
N PHE A 183 -0.29 26.95 21.55
CA PHE A 183 1.14 26.56 21.55
C PHE A 183 1.70 26.73 20.12
N LEU A 184 0.95 26.32 19.11
CA LEU A 184 1.43 26.32 17.71
C LEU A 184 1.51 27.76 17.19
N ARG A 185 0.46 28.55 17.34
CA ARG A 185 0.45 30.01 17.02
C ARG A 185 1.76 30.63 17.48
N ASN A 186 2.03 30.50 18.77
CA ASN A 186 3.23 31.06 19.43
C ASN A 186 4.47 30.52 18.74
N PHE A 187 4.52 29.21 18.50
CA PHE A 187 5.62 28.57 17.74
C PHE A 187 5.79 29.29 16.39
N ALA A 188 4.69 29.41 15.65
CA ALA A 188 4.68 29.86 14.23
C ALA A 188 5.08 31.33 14.17
N VAL A 189 4.54 32.17 15.06
CA VAL A 189 4.81 33.64 15.13
C VAL A 189 6.28 33.89 15.47
N THR A 190 6.76 33.42 16.62
CA THR A 190 8.12 33.70 17.16
C THR A 190 9.21 32.96 16.34
N LYS A 191 9.11 31.64 16.20
CA LYS A 191 10.21 30.80 15.65
C LYS A 191 10.12 30.65 14.12
N GLN A 192 9.09 31.18 13.45
CA GLN A 192 8.87 30.89 12.00
C GLN A 192 8.29 32.06 11.19
N ALA A 193 8.40 33.30 11.67
CA ALA A 193 8.20 34.53 10.88
C ALA A 193 6.72 34.81 10.57
N VAL A 194 5.79 33.91 10.86
CA VAL A 194 4.35 34.04 10.46
C VAL A 194 3.75 35.34 11.06
N GLU A 195 3.15 36.18 10.21
CA GLU A 195 2.42 37.40 10.63
C GLU A 195 0.97 37.05 11.03
N HIS A 196 0.63 37.28 12.29
CA HIS A 196 -0.73 37.04 12.86
C HIS A 196 -1.56 38.32 12.76
N VAL A 197 -2.71 38.28 12.11
CA VAL A 197 -3.57 39.49 11.95
C VAL A 197 -4.91 39.21 12.62
N GLU A 198 -5.15 39.76 13.82
CA GLU A 198 -6.41 39.57 14.59
C GLU A 198 -7.49 40.53 14.06
N ASP A 199 -8.49 40.03 13.36
CA ASP A 199 -9.46 40.86 12.59
C ASP A 199 -10.44 39.96 11.83
N GLU A 200 -11.66 40.42 11.60
CA GLU A 200 -12.63 39.73 10.70
C GLU A 200 -12.18 39.95 9.24
N MET A 201 -12.47 38.98 8.40
CA MET A 201 -12.46 39.10 6.92
C MET A 201 -13.85 39.65 6.55
N THR A 202 -13.94 40.56 5.57
CA THR A 202 -15.21 41.17 5.10
C THR A 202 -15.35 41.06 3.58
N GLU A 203 -14.25 40.81 2.85
CA GLU A 203 -14.26 40.86 1.36
C GLU A 203 -13.23 39.87 0.80
N VAL A 204 -13.63 39.11 -0.22
CA VAL A 204 -12.72 38.20 -0.97
C VAL A 204 -12.58 38.78 -2.37
N LEU A 205 -11.44 39.40 -2.63
CA LEU A 205 -11.19 40.09 -3.93
C LEU A 205 -10.63 39.05 -4.90
N THR A 206 -11.22 39.00 -6.10
CA THR A 206 -10.97 37.96 -7.12
C THR A 206 -10.62 38.60 -8.45
N ASP A 207 -9.74 37.97 -9.23
CA ASP A 207 -9.32 38.45 -10.56
C ASP A 207 -10.40 38.03 -11.56
N GLU A 208 -10.09 38.17 -12.87
CA GLU A 208 -11.05 37.97 -13.98
C GLU A 208 -11.44 36.48 -14.04
N ARG A 209 -10.57 35.59 -13.55
CA ARG A 209 -10.70 34.12 -13.65
C ARG A 209 -11.34 33.54 -12.39
N GLY A 210 -11.63 34.36 -11.39
CA GLY A 210 -12.21 33.89 -10.12
C GLY A 210 -11.15 33.43 -9.15
N PHE A 211 -9.86 33.66 -9.43
CA PHE A 211 -8.73 33.44 -8.49
C PHE A 211 -8.75 34.54 -7.43
N ILE A 212 -8.42 34.21 -6.19
CA ILE A 212 -8.37 35.18 -5.06
C ILE A 212 -7.06 35.93 -5.22
N THR A 213 -7.12 37.26 -5.19
CA THR A 213 -5.97 38.20 -5.24
C THR A 213 -5.67 38.73 -3.82
N ALA A 214 -6.70 38.97 -3.00
CA ALA A 214 -6.52 39.43 -1.61
C ALA A 214 -7.78 39.25 -0.78
N LEU A 215 -7.62 39.31 0.55
CA LEU A 215 -8.73 39.40 1.54
C LEU A 215 -8.70 40.81 2.16
N ARG A 216 -9.87 41.46 2.27
CA ARG A 216 -10.01 42.70 3.07
C ARG A 216 -10.44 42.31 4.49
N THR A 217 -9.82 42.93 5.49
CA THR A 217 -10.19 42.84 6.92
C THR A 217 -11.25 43.91 7.27
N LYS A 218 -11.91 43.80 8.42
CA LYS A 218 -12.89 44.80 8.93
C LYS A 218 -12.25 46.19 9.15
N SER A 219 -11.03 46.25 9.68
CA SER A 219 -10.25 47.50 9.87
C SER A 219 -9.94 48.20 8.53
N GLY A 220 -10.28 47.58 7.40
CA GLY A 220 -10.12 48.15 6.04
C GLY A 220 -8.78 47.82 5.40
N ARG A 221 -7.90 47.11 6.13
CA ARG A 221 -6.60 46.59 5.61
C ARG A 221 -6.81 45.48 4.58
N ILE A 222 -5.95 45.38 3.58
CA ILE A 222 -6.06 44.45 2.43
C ILE A 222 -4.82 43.54 2.44
N LEU A 223 -5.06 42.22 2.39
CA LEU A 223 -4.03 41.17 2.59
C LEU A 223 -3.79 40.49 1.25
N GLN A 224 -2.81 40.98 0.50
CA GLN A 224 -2.51 40.45 -0.85
C GLN A 224 -1.99 39.02 -0.67
N GLY A 225 -2.24 38.17 -1.67
CA GLY A 225 -1.89 36.75 -1.62
C GLY A 225 -1.71 36.15 -2.99
N ASP A 226 -1.21 34.91 -3.02
CA ASP A 226 -0.98 34.11 -4.25
C ASP A 226 -1.73 32.77 -4.13
N LEU A 227 -1.63 32.15 -2.95
CA LEU A 227 -2.33 30.91 -2.55
C LEU A 227 -3.10 31.23 -1.28
N PHE A 228 -4.33 30.77 -1.19
CA PHE A 228 -5.22 31.02 -0.02
C PHE A 228 -5.61 29.67 0.57
N VAL A 229 -5.37 29.49 1.86
CA VAL A 229 -5.86 28.30 2.61
C VAL A 229 -7.09 28.71 3.42
N ASP A 230 -8.24 28.09 3.15
CA ASP A 230 -9.51 28.27 3.92
C ASP A 230 -9.51 27.31 5.11
N CYS A 231 -9.21 27.82 6.30
CA CYS A 231 -9.36 27.14 7.61
C CYS A 231 -10.42 27.88 8.42
N SER A 232 -11.54 28.23 7.79
CA SER A 232 -12.58 29.14 8.36
C SER A 232 -13.72 28.35 9.01
N GLY A 233 -13.58 27.03 9.13
CA GLY A 233 -14.62 26.16 9.73
C GLY A 233 -15.74 25.83 8.75
N PHE A 234 -16.86 25.28 9.26
CA PHE A 234 -18.01 24.79 8.46
C PHE A 234 -18.54 25.89 7.54
N ARG A 235 -18.31 27.16 7.89
CA ARG A 235 -18.89 28.30 7.14
C ARG A 235 -18.25 28.34 5.75
N GLY A 236 -17.02 27.83 5.61
CA GLY A 236 -16.31 27.69 4.33
C GLY A 236 -16.27 29.00 3.55
N LEU A 237 -15.73 30.05 4.12
CA LEU A 237 -15.99 31.44 3.68
C LEU A 237 -15.30 31.69 2.35
N LEU A 238 -14.19 31.01 2.09
CA LEU A 238 -13.51 31.05 0.77
C LEU A 238 -14.02 29.91 -0.11
N ILE A 239 -13.87 28.66 0.31
CA ILE A 239 -14.07 27.50 -0.61
C ILE A 239 -15.55 27.42 -1.04
N ASN A 240 -16.51 27.73 -0.17
CA ASN A 240 -17.95 27.49 -0.42
C ASN A 240 -18.69 28.76 -0.86
N LYS A 241 -18.63 29.82 -0.03
CA LYS A 241 -19.24 31.16 -0.31
C LYS A 241 -18.56 31.81 -1.51
N ALA A 242 -17.36 32.36 -1.31
CA ALA A 242 -16.64 33.16 -2.34
C ALA A 242 -16.45 32.35 -3.63
N MET A 243 -15.93 31.13 -3.56
CA MET A 243 -15.55 30.29 -4.72
C MET A 243 -16.76 29.55 -5.28
N GLU A 244 -17.88 29.52 -4.54
CA GLU A 244 -19.16 28.90 -5.02
C GLU A 244 -18.95 27.40 -5.27
N GLU A 245 -18.06 26.75 -4.51
CA GLU A 245 -17.82 25.29 -4.61
C GLU A 245 -18.88 24.57 -3.78
N PRO A 246 -19.66 23.65 -4.39
CA PRO A 246 -20.73 22.95 -3.68
C PRO A 246 -20.13 21.96 -2.68
N PHE A 247 -20.80 21.79 -1.55
CA PHE A 247 -20.45 20.82 -0.48
C PHE A 247 -21.38 19.62 -0.62
N ILE A 248 -20.84 18.41 -0.48
CA ILE A 248 -21.62 17.16 -0.71
C ILE A 248 -22.03 16.62 0.66
N ASP A 249 -23.32 16.76 0.97
CA ASP A 249 -23.94 16.27 2.22
C ASP A 249 -23.94 14.74 2.16
N MET A 250 -23.54 14.10 3.26
CA MET A 250 -23.45 12.62 3.34
C MET A 250 -24.10 12.12 4.64
N SER A 251 -25.25 12.71 4.99
CA SER A 251 -26.20 12.19 6.00
C SER A 251 -27.03 11.06 5.38
N ASP A 252 -26.77 10.74 4.11
CA ASP A 252 -27.26 9.48 3.48
C ASP A 252 -26.31 8.33 3.84
N HIS A 253 -25.28 8.56 4.70
CA HIS A 253 -24.28 7.54 5.18
C HIS A 253 -24.07 7.61 6.71
N LEU A 254 -24.13 8.80 7.31
CA LEU A 254 -23.97 9.02 8.78
C LEU A 254 -24.99 10.05 9.26
N LEU A 255 -25.76 9.73 10.30
CA LEU A 255 -27.01 10.44 10.62
C LEU A 255 -26.71 11.59 11.58
N CYS A 256 -25.77 11.43 12.51
CA CYS A 256 -25.45 12.48 13.51
C CYS A 256 -25.01 13.76 12.79
N ASN A 257 -25.39 14.92 13.36
CA ASN A 257 -25.25 16.26 12.73
C ASN A 257 -25.18 17.34 13.81
N SER A 258 -25.08 16.95 15.08
CA SER A 258 -25.17 17.87 16.25
C SER A 258 -24.38 17.27 17.40
N ALA A 259 -23.85 18.08 18.28
CA ALA A 259 -23.25 17.62 19.54
C ALA A 259 -23.50 18.66 20.63
N VAL A 260 -23.26 18.25 21.88
CA VAL A 260 -23.40 19.11 23.08
C VAL A 260 -22.36 18.63 24.09
N ALA A 261 -21.42 19.48 24.44
CA ALA A 261 -20.19 19.07 25.16
C ALA A 261 -20.02 19.91 26.43
N THR A 262 -19.00 19.55 27.21
CA THR A 262 -18.50 20.25 28.42
C THR A 262 -17.25 19.55 28.95
N ALA A 263 -16.51 20.22 29.83
CA ALA A 263 -15.44 19.60 30.65
C ALA A 263 -16.07 19.25 32.00
N VAL A 264 -15.61 18.13 32.58
CA VAL A 264 -16.16 17.57 33.85
C VAL A 264 -14.98 17.41 34.80
N PRO A 265 -14.96 18.12 35.96
CA PRO A 265 -13.85 18.00 36.89
C PRO A 265 -13.87 16.54 37.38
N HIS A 266 -12.70 15.92 37.57
CA HIS A 266 -12.57 14.44 37.77
C HIS A 266 -11.52 14.13 38.84
N ASP A 267 -11.89 13.26 39.79
CA ASP A 267 -11.03 12.87 40.95
C ASP A 267 -10.04 11.79 40.48
N ASP A 268 -8.86 12.20 40.02
CA ASP A 268 -7.86 11.29 39.41
C ASP A 268 -7.21 10.41 40.48
N GLU A 269 -7.10 10.88 41.72
CA GLU A 269 -6.54 10.07 42.84
C GLU A 269 -7.51 8.91 43.13
N LYS A 270 -8.80 9.23 43.30
CA LYS A 270 -9.86 8.23 43.62
C LYS A 270 -9.88 7.18 42.51
N ASN A 271 -10.21 7.58 41.26
CA ASN A 271 -10.64 6.68 40.15
C ASN A 271 -9.46 6.23 39.27
N GLY A 272 -8.37 6.98 39.24
CA GLY A 272 -7.32 6.82 38.20
C GLY A 272 -7.75 7.47 36.89
N VAL A 273 -6.83 7.53 35.91
CA VAL A 273 -7.07 8.12 34.56
C VAL A 273 -7.06 7.01 33.51
N GLU A 274 -8.11 6.92 32.71
CA GLU A 274 -8.24 5.93 31.61
C GLU A 274 -7.30 6.30 30.47
N PRO A 275 -6.32 5.44 30.12
CA PRO A 275 -5.46 5.66 28.95
C PRO A 275 -6.18 5.29 27.66
N TYR A 276 -7.36 5.88 27.43
CA TYR A 276 -8.18 5.63 26.23
C TYR A 276 -9.41 6.56 26.18
N THR A 277 -9.84 6.79 24.95
CA THR A 277 -11.11 7.48 24.60
C THR A 277 -12.24 6.45 24.75
N SER A 278 -13.40 6.89 25.20
CA SER A 278 -14.56 6.00 25.44
C SER A 278 -15.70 6.54 24.56
N SER A 279 -16.24 5.69 23.69
CA SER A 279 -17.45 5.98 22.88
C SER A 279 -18.63 5.31 23.57
N ILE A 280 -19.35 6.08 24.38
CA ILE A 280 -20.48 5.59 25.25
C ILE A 280 -21.75 5.78 24.45
N ALA A 281 -22.41 4.68 24.09
CA ALA A 281 -23.60 4.67 23.22
C ALA A 281 -24.78 5.26 23.99
N MET A 282 -25.72 5.85 23.26
CA MET A 282 -26.74 6.77 23.81
C MET A 282 -28.07 6.58 23.08
N GLU A 283 -29.13 7.12 23.66
CA GLU A 283 -30.50 7.17 23.09
C GLU A 283 -30.42 7.36 21.57
N ALA A 284 -29.93 8.54 21.14
CA ALA A 284 -30.03 9.03 19.74
C ALA A 284 -28.66 9.34 19.13
N GLY A 285 -27.56 8.96 19.78
CA GLY A 285 -26.20 9.10 19.25
C GLY A 285 -25.19 8.35 20.09
N TRP A 286 -24.09 9.00 20.48
CA TRP A 286 -23.06 8.46 21.39
C TRP A 286 -22.37 9.63 22.12
N THR A 287 -21.58 9.33 23.15
CA THR A 287 -20.90 10.35 23.98
C THR A 287 -19.41 10.00 24.13
N TRP A 288 -18.52 10.89 23.70
CA TRP A 288 -17.06 10.68 23.87
C TRP A 288 -16.71 10.99 25.30
N LYS A 289 -15.62 10.39 25.76
CA LYS A 289 -15.01 10.69 27.07
C LYS A 289 -13.51 10.74 26.84
N ILE A 290 -12.93 11.91 27.02
CA ILE A 290 -11.51 12.18 26.70
C ILE A 290 -10.84 12.62 28.01
N PRO A 291 -10.28 11.65 28.76
CA PRO A 291 -9.54 11.95 29.97
C PRO A 291 -8.34 12.85 29.71
N MET A 292 -8.21 13.95 30.47
CA MET A 292 -6.96 14.75 30.64
C MET A 292 -6.68 14.83 32.15
N LEU A 293 -5.60 15.48 32.60
CA LEU A 293 -5.30 15.57 34.06
C LEU A 293 -6.32 16.52 34.72
N GLY A 294 -7.03 16.03 35.74
CA GLY A 294 -7.93 16.81 36.59
C GLY A 294 -9.35 16.82 36.09
N ARG A 295 -9.53 16.61 34.79
CA ARG A 295 -10.84 16.75 34.10
C ARG A 295 -10.86 15.81 32.88
N PHE A 296 -12.06 15.40 32.46
CA PHE A 296 -12.30 14.70 31.18
C PHE A 296 -13.24 15.55 30.33
N GLY A 297 -12.92 15.70 29.05
CA GLY A 297 -13.83 16.31 28.09
C GLY A 297 -14.85 15.29 27.67
N SER A 298 -16.10 15.70 27.48
CA SER A 298 -17.15 14.78 27.00
C SER A 298 -18.15 15.53 26.12
N GLY A 299 -18.68 14.84 25.12
CA GLY A 299 -19.71 15.40 24.22
C GLY A 299 -20.63 14.30 23.72
N HIS A 300 -21.93 14.54 23.78
CA HIS A 300 -22.98 13.67 23.22
C HIS A 300 -23.23 14.08 21.77
N VAL A 301 -22.60 13.37 20.83
CA VAL A 301 -22.89 13.43 19.37
C VAL A 301 -24.30 12.85 19.20
N TYR A 302 -25.19 13.50 18.43
CA TYR A 302 -26.60 13.07 18.17
C TYR A 302 -27.07 13.54 16.79
N SER A 303 -28.15 12.95 16.28
CA SER A 303 -28.90 13.44 15.09
C SER A 303 -30.08 14.27 15.56
N ASP A 304 -30.21 15.50 15.05
CA ASP A 304 -31.28 16.45 15.45
C ASP A 304 -32.61 15.99 14.82
N HIS A 305 -32.60 14.99 13.91
CA HIS A 305 -33.83 14.38 13.32
C HIS A 305 -34.45 13.36 14.28
N PHE A 306 -33.72 12.91 15.32
CA PHE A 306 -34.12 11.79 16.22
C PHE A 306 -34.08 12.23 17.69
N ALA A 307 -33.71 13.49 17.97
CA ALA A 307 -33.64 14.03 19.33
C ALA A 307 -33.44 15.54 19.26
N THR A 308 -34.26 16.30 20.00
CA THR A 308 -34.15 17.77 20.12
C THR A 308 -32.87 18.10 20.90
N GLN A 309 -32.40 19.34 20.78
CA GLN A 309 -31.26 19.87 21.55
C GLN A 309 -31.48 19.61 23.05
N ASP A 310 -32.71 19.75 23.55
CA ASP A 310 -33.05 19.60 25.00
C ASP A 310 -32.89 18.12 25.38
N GLU A 311 -33.69 17.25 24.74
CA GLU A 311 -33.66 15.77 24.91
C GLU A 311 -32.20 15.33 25.07
N ALA A 312 -31.34 15.78 24.15
CA ALA A 312 -29.90 15.45 24.04
C ALA A 312 -29.12 15.95 25.26
N THR A 313 -29.39 17.19 25.69
CA THR A 313 -28.73 17.87 26.83
C THR A 313 -29.12 17.19 28.15
N LEU A 314 -30.40 16.83 28.32
CA LEU A 314 -30.92 16.18 29.55
C LEU A 314 -30.24 14.82 29.70
N ALA A 315 -30.29 14.00 28.64
CA ALA A 315 -29.67 12.66 28.55
C ALA A 315 -28.17 12.76 28.87
N PHE A 316 -27.49 13.77 28.34
CA PHE A 316 -26.02 14.00 28.47
C PHE A 316 -25.68 14.30 29.93
N SER A 317 -26.40 15.22 30.56
CA SER A 317 -26.26 15.62 31.99
C SER A 317 -26.60 14.43 32.90
N LYS A 318 -27.68 13.71 32.58
CA LYS A 318 -28.13 12.49 33.30
C LYS A 318 -26.96 11.50 33.40
N LEU A 319 -26.34 11.20 32.26
CA LEU A 319 -25.20 10.26 32.10
C LEU A 319 -24.14 10.52 33.18
N TRP A 320 -23.73 11.76 33.40
CA TRP A 320 -22.56 12.08 34.26
C TRP A 320 -23.01 12.65 35.62
N GLY A 321 -24.32 12.71 35.86
CA GLY A 321 -24.90 13.31 37.09
C GLY A 321 -24.56 14.79 37.18
N LEU A 322 -24.87 15.53 36.12
CA LEU A 322 -24.62 16.99 36.01
C LEU A 322 -25.98 17.67 36.12
N ASP A 323 -26.02 18.85 36.75
CA ASP A 323 -27.25 19.67 36.91
C ASP A 323 -27.48 20.39 35.58
N PRO A 324 -28.55 20.07 34.81
CA PRO A 324 -28.82 20.74 33.54
C PRO A 324 -28.80 22.28 33.51
N ASP A 325 -29.14 22.97 34.61
CA ASP A 325 -29.27 24.45 34.65
C ASP A 325 -28.13 25.05 35.48
N ASN A 326 -27.12 24.23 35.81
CA ASN A 326 -26.01 24.56 36.75
C ASN A 326 -24.68 24.17 36.10
N THR A 327 -24.67 23.94 34.77
CA THR A 327 -23.52 23.40 34.00
C THR A 327 -23.38 24.12 32.64
N GLU A 328 -22.14 24.34 32.22
CA GLU A 328 -21.80 25.11 30.98
C GLU A 328 -21.64 24.14 29.81
N PHE A 329 -22.40 24.35 28.73
CA PHE A 329 -22.48 23.50 27.51
C PHE A 329 -22.11 24.30 26.26
N ASN A 330 -21.29 23.70 25.38
CA ASN A 330 -21.12 24.11 23.97
C ASN A 330 -22.06 23.30 23.09
N HIS A 331 -22.89 23.96 22.29
CA HIS A 331 -23.78 23.34 21.28
C HIS A 331 -23.21 23.59 19.88
N VAL A 332 -22.91 22.51 19.15
CA VAL A 332 -22.33 22.48 17.78
C VAL A 332 -23.34 21.81 16.84
N ARG A 333 -23.77 22.47 15.76
CA ARG A 333 -24.35 21.81 14.55
C ARG A 333 -23.17 21.64 13.60
N PHE A 334 -23.03 20.50 12.93
CA PHE A 334 -21.89 20.27 12.00
C PHE A 334 -22.40 19.64 10.69
N ARG A 335 -21.73 19.95 9.59
CA ARG A 335 -22.06 19.31 8.30
C ARG A 335 -21.23 18.03 8.25
N VAL A 336 -21.81 17.00 7.66
CA VAL A 336 -21.12 15.70 7.43
C VAL A 336 -21.03 15.47 5.92
N GLY A 337 -19.82 15.38 5.43
CA GLY A 337 -19.52 15.23 4.01
C GLY A 337 -18.23 15.95 3.69
N ARG A 338 -18.14 16.48 2.48
CA ARG A 338 -16.90 17.09 1.95
C ARG A 338 -17.24 17.92 0.73
N ASN A 339 -16.38 18.89 0.41
CA ASN A 339 -16.49 19.71 -0.83
C ASN A 339 -16.41 18.76 -2.02
N ARG A 340 -17.13 19.13 -3.09
CA ARG A 340 -17.03 18.45 -4.39
C ARG A 340 -15.54 18.30 -4.69
N ARG A 341 -14.77 19.38 -4.46
CA ARG A 341 -13.28 19.39 -4.55
C ARG A 341 -12.72 20.21 -3.39
N ALA A 342 -11.59 19.79 -2.82
CA ALA A 342 -11.00 20.44 -1.64
C ALA A 342 -10.34 21.75 -2.08
N TRP A 343 -9.73 21.71 -3.27
CA TRP A 343 -8.83 22.77 -3.80
C TRP A 343 -9.42 23.25 -5.13
N VAL A 344 -9.90 24.50 -5.13
CA VAL A 344 -10.41 25.18 -6.36
C VAL A 344 -9.54 26.40 -6.68
N ARG A 345 -9.11 26.51 -7.93
CA ARG A 345 -8.21 27.61 -8.39
C ARG A 345 -7.06 27.73 -7.39
N ASN A 346 -6.99 28.78 -6.56
CA ASN A 346 -5.85 29.00 -5.61
C ASN A 346 -6.40 29.07 -4.18
N CYS A 347 -7.56 28.44 -3.94
CA CYS A 347 -8.18 28.28 -2.61
C CYS A 347 -8.14 26.80 -2.23
N VAL A 348 -7.28 26.42 -1.28
CA VAL A 348 -7.16 25.05 -0.68
C VAL A 348 -7.89 25.03 0.66
N SER A 349 -8.87 24.14 0.82
CA SER A 349 -9.60 23.94 2.10
C SER A 349 -8.90 22.88 2.98
N VAL A 350 -8.87 23.12 4.29
CA VAL A 350 -8.20 22.27 5.32
C VAL A 350 -9.07 22.30 6.58
N GLY A 351 -9.36 21.13 7.16
CA GLY A 351 -10.19 21.02 8.37
C GLY A 351 -11.65 21.14 8.00
N LEU A 352 -12.45 21.75 8.88
CA LEU A 352 -13.93 21.69 8.83
C LEU A 352 -14.45 22.25 7.48
N ALA A 353 -13.76 23.26 6.94
CA ALA A 353 -14.06 23.88 5.63
C ALA A 353 -13.87 22.88 4.48
N SER A 354 -13.01 21.85 4.65
CA SER A 354 -12.75 20.80 3.63
C SER A 354 -13.83 19.72 3.75
N CYS A 355 -13.96 19.14 4.94
CA CYS A 355 -14.76 17.90 5.18
C CYS A 355 -14.77 17.56 6.67
N PHE A 356 -15.74 16.76 7.09
CA PHE A 356 -15.96 16.42 8.53
C PHE A 356 -16.78 15.14 8.68
N VAL A 357 -16.46 14.41 9.74
CA VAL A 357 -17.22 13.26 10.31
C VAL A 357 -17.17 13.37 11.85
N GLU A 358 -18.25 12.93 12.51
CA GLU A 358 -18.26 12.67 13.98
C GLU A 358 -16.94 12.07 14.42
N PRO A 359 -16.36 12.51 15.56
CA PRO A 359 -15.01 12.12 15.97
C PRO A 359 -14.96 10.72 16.62
N LEU A 360 -15.58 9.75 15.96
CA LEU A 360 -15.88 8.39 16.49
C LEU A 360 -14.59 7.57 16.51
N GLU A 361 -13.72 7.75 15.52
CA GLU A 361 -12.39 7.07 15.48
C GLU A 361 -11.28 8.13 15.48
N SER A 362 -11.62 9.39 15.78
CA SER A 362 -10.66 10.47 16.12
C SER A 362 -9.90 10.88 14.86
N SER A 363 -10.64 11.19 13.80
CA SER A 363 -10.04 11.39 12.46
C SER A 363 -9.94 12.90 12.16
N GLY A 364 -10.61 13.75 12.96
CA GLY A 364 -10.60 15.23 12.86
C GLY A 364 -9.23 15.82 12.55
N ILE A 365 -8.24 15.58 13.41
CA ILE A 365 -6.85 16.13 13.28
C ILE A 365 -6.13 15.39 12.15
N TYR A 366 -6.26 14.08 12.04
CA TYR A 366 -5.61 13.28 10.98
C TYR A 366 -5.90 13.95 9.64
N PHE A 367 -7.15 14.33 9.41
CA PHE A 367 -7.60 14.98 8.15
C PHE A 367 -6.78 16.25 7.90
N ILE A 368 -6.52 17.01 8.96
CA ILE A 368 -5.76 18.29 8.87
C ILE A 368 -4.33 18.02 8.39
N TYR A 369 -3.53 17.18 9.03
CA TYR A 369 -2.10 17.02 8.64
C TYR A 369 -1.97 16.11 7.43
N ALA A 370 -2.97 15.29 7.14
CA ALA A 370 -3.05 14.57 5.85
C ALA A 370 -3.10 15.61 4.74
N ALA A 371 -4.02 16.59 4.86
CA ALA A 371 -4.27 17.64 3.84
C ALA A 371 -3.01 18.49 3.70
N ILE A 372 -2.52 19.02 4.82
CA ILE A 372 -1.31 19.89 4.89
C ILE A 372 -0.16 19.16 4.20
N HIS A 373 0.05 17.89 4.54
CA HIS A 373 1.18 17.08 4.04
C HIS A 373 1.07 16.99 2.52
N MET A 374 -0.15 16.74 2.04
CA MET A 374 -0.46 16.57 0.60
C MET A 374 -0.33 17.91 -0.13
N LEU A 375 -0.67 19.02 0.54
CA LEU A 375 -0.46 20.40 0.04
C LEU A 375 1.02 20.67 -0.18
N ALA A 376 1.89 20.43 0.81
CA ALA A 376 3.35 20.62 0.65
C ALA A 376 3.90 19.75 -0.51
N LYS A 377 3.32 18.57 -0.75
CA LYS A 377 3.84 17.60 -1.76
C LYS A 377 3.42 18.07 -3.15
N HIS A 378 2.15 18.49 -3.25
CA HIS A 378 1.51 19.02 -4.48
C HIS A 378 1.63 20.55 -4.53
N PHE A 379 2.56 21.15 -3.76
CA PHE A 379 2.63 22.62 -3.67
C PHE A 379 2.84 23.13 -5.09
N PRO A 380 2.07 24.17 -5.48
CA PRO A 380 2.13 24.73 -6.82
C PRO A 380 3.07 25.94 -6.93
N ASP A 381 3.43 26.33 -8.16
CA ASP A 381 3.86 27.71 -8.47
C ASP A 381 2.63 28.40 -9.07
N LYS A 382 2.79 29.62 -9.63
CA LYS A 382 1.64 30.51 -9.98
C LYS A 382 0.89 29.99 -11.23
N THR A 383 1.47 29.04 -11.99
CA THR A 383 0.78 28.45 -13.17
C THR A 383 -0.30 27.46 -12.70
N PHE A 384 -0.39 27.16 -11.40
CA PHE A 384 -1.38 26.24 -10.79
C PHE A 384 -1.72 25.09 -11.75
N ASP A 385 -0.72 24.30 -12.16
CA ASP A 385 -0.89 23.09 -13.00
C ASP A 385 -2.18 22.39 -12.55
N LYS A 386 -3.16 22.21 -13.43
CA LYS A 386 -4.48 21.67 -12.97
C LYS A 386 -4.31 20.22 -12.51
N VAL A 387 -3.30 19.48 -12.99
CA VAL A 387 -3.02 18.07 -12.61
C VAL A 387 -2.58 18.02 -11.14
N LEU A 388 -1.63 18.86 -10.76
CA LEU A 388 -1.20 19.07 -9.35
C LEU A 388 -2.43 19.25 -8.45
N VAL A 389 -3.34 20.15 -8.80
CA VAL A 389 -4.58 20.43 -8.01
C VAL A 389 -5.46 19.19 -7.98
N ASP A 390 -5.62 18.52 -9.12
CA ASP A 390 -6.51 17.33 -9.30
C ASP A 390 -6.00 16.19 -8.42
N ARG A 391 -4.72 15.86 -8.54
CA ARG A 391 -4.09 14.77 -7.76
C ARG A 391 -4.34 15.00 -6.28
N PHE A 392 -4.18 16.22 -5.80
CA PHE A 392 -4.50 16.61 -4.40
C PHE A 392 -5.97 16.32 -4.12
N ASN A 393 -6.87 16.85 -4.94
CA ASN A 393 -8.33 16.67 -4.76
C ASN A 393 -8.62 15.17 -4.61
N ARG A 394 -8.01 14.32 -5.46
CA ARG A 394 -8.23 12.85 -5.51
C ARG A 394 -7.85 12.20 -4.17
N GLU A 395 -6.67 12.53 -3.66
CA GLU A 395 -6.18 12.04 -2.36
C GLU A 395 -7.17 12.44 -1.23
N ILE A 396 -7.72 13.64 -1.25
CA ILE A 396 -8.62 14.08 -0.15
C ILE A 396 -9.92 13.29 -0.25
N GLU A 397 -10.46 13.03 -1.44
CA GLU A 397 -11.79 12.38 -1.52
C GLU A 397 -11.65 10.90 -1.11
N GLU A 398 -10.61 10.21 -1.62
CA GLU A 398 -10.35 8.80 -1.26
C GLU A 398 -10.20 8.71 0.26
N MET A 399 -9.31 9.52 0.84
CA MET A 399 -9.06 9.57 2.30
C MET A 399 -10.39 9.66 3.03
N PHE A 400 -11.21 10.66 2.66
CA PHE A 400 -12.46 10.99 3.38
C PHE A 400 -13.45 9.84 3.26
N ASP A 401 -13.72 9.41 2.03
CA ASP A 401 -14.75 8.39 1.74
C ASP A 401 -14.39 7.10 2.50
N ASP A 402 -13.11 6.75 2.54
CA ASP A 402 -12.62 5.57 3.27
C ASP A 402 -13.10 5.65 4.71
N THR A 403 -12.79 6.74 5.41
CA THR A 403 -13.05 6.94 6.86
C THR A 403 -14.56 7.08 7.09
N ARG A 404 -15.28 7.68 6.16
CA ARG A 404 -16.76 7.72 6.14
C ARG A 404 -17.35 6.30 6.19
N ASP A 405 -16.99 5.46 5.22
CA ASP A 405 -17.43 4.04 5.09
C ASP A 405 -17.06 3.24 6.34
N PHE A 406 -15.90 3.50 6.94
CA PHE A 406 -15.47 2.79 8.18
C PHE A 406 -16.47 3.14 9.28
N LEU A 407 -16.79 4.42 9.39
CA LEU A 407 -17.66 4.91 10.48
C LEU A 407 -19.05 4.32 10.28
N GLN A 408 -19.55 4.30 9.05
CA GLN A 408 -20.88 3.73 8.73
C GLN A 408 -20.92 2.34 9.37
N ALA A 409 -19.92 1.52 9.11
CA ALA A 409 -19.87 0.11 9.58
C ALA A 409 -20.07 0.08 11.11
N HIS A 410 -19.53 1.04 11.88
CA HIS A 410 -19.73 1.14 13.35
C HIS A 410 -21.24 1.10 13.68
N TYR A 411 -22.06 1.83 12.94
CA TYR A 411 -23.53 1.95 13.16
C TYR A 411 -24.27 0.76 12.53
N TYR A 412 -24.09 0.58 11.23
CA TYR A 412 -24.82 -0.40 10.39
C TYR A 412 -24.77 -1.83 10.96
N PHE A 413 -23.67 -2.26 11.60
CA PHE A 413 -23.52 -3.62 12.15
C PHE A 413 -23.67 -3.61 13.67
N SER A 414 -24.14 -2.51 14.26
CA SER A 414 -24.74 -2.52 15.62
C SER A 414 -25.98 -3.42 15.60
N PRO A 415 -26.14 -4.36 16.55
CA PRO A 415 -27.37 -5.12 16.66
C PRO A 415 -28.55 -4.29 17.16
N ARG A 416 -28.31 -3.23 17.94
CA ARG A 416 -29.35 -2.30 18.49
C ARG A 416 -30.38 -1.96 17.42
N VAL A 417 -31.67 -2.06 17.78
CA VAL A 417 -32.84 -1.64 16.93
C VAL A 417 -33.96 -1.13 17.86
N ASP A 418 -33.57 -0.54 18.99
CA ASP A 418 -34.46 -0.21 20.14
C ASP A 418 -34.69 1.30 20.29
N THR A 419 -34.80 2.07 19.19
CA THR A 419 -34.81 3.55 19.15
C THR A 419 -34.91 3.95 17.68
N PRO A 420 -35.74 4.95 17.32
CA PRO A 420 -35.88 5.31 15.89
C PRO A 420 -34.49 5.51 15.23
N PHE A 421 -33.55 6.15 15.93
CA PHE A 421 -32.14 6.38 15.53
C PHE A 421 -31.49 5.06 15.07
N TRP A 422 -31.29 4.15 16.01
CA TRP A 422 -30.51 2.91 15.78
C TRP A 422 -31.09 2.11 14.62
N ARG A 423 -32.41 2.17 14.44
CA ARG A 423 -33.12 1.43 13.37
C ARG A 423 -32.90 2.15 12.04
N ALA A 424 -32.88 3.48 12.05
CA ALA A 424 -32.77 4.32 10.84
C ALA A 424 -31.41 4.06 10.18
N ASN A 425 -30.39 3.82 11.01
CA ASN A 425 -29.00 3.52 10.59
C ASN A 425 -28.98 2.33 9.63
N LYS A 426 -29.84 1.33 9.89
CA LYS A 426 -29.96 0.05 9.12
C LYS A 426 -30.71 0.30 7.82
N GLU A 427 -31.45 1.40 7.73
CA GLU A 427 -32.24 1.80 6.55
C GLU A 427 -31.34 2.48 5.52
N LEU A 428 -30.17 2.99 5.93
CA LEU A 428 -29.19 3.65 5.02
C LEU A 428 -28.53 2.58 4.15
N LYS A 429 -28.18 2.92 2.92
CA LYS A 429 -27.45 2.00 2.02
C LYS A 429 -25.97 1.97 2.43
N LEU A 430 -25.40 0.79 2.58
CA LEU A 430 -23.92 0.62 2.66
C LEU A 430 -23.31 1.10 1.34
N ALA A 431 -22.17 1.79 1.43
CA ALA A 431 -21.38 2.13 0.23
C ALA A 431 -20.82 0.81 -0.28
N ASP A 432 -20.62 0.67 -1.59
CA ASP A 432 -20.04 -0.55 -2.23
C ASP A 432 -18.69 -0.91 -1.58
N SER A 433 -17.77 0.04 -1.40
CA SER A 433 -16.42 -0.28 -0.83
C SER A 433 -16.61 -1.17 0.40
N ILE A 434 -17.49 -0.79 1.31
CA ILE A 434 -17.58 -1.43 2.66
C ILE A 434 -18.41 -2.72 2.54
N LYS A 435 -19.32 -2.75 1.56
CA LYS A 435 -20.12 -3.96 1.21
C LYS A 435 -19.16 -5.04 0.71
N ASP A 436 -18.28 -4.70 -0.23
CA ASP A 436 -17.27 -5.65 -0.78
C ASP A 436 -16.36 -6.14 0.36
N LYS A 437 -15.95 -5.26 1.29
CA LYS A 437 -15.02 -5.60 2.39
C LYS A 437 -15.72 -6.55 3.37
N VAL A 438 -17.02 -6.39 3.58
CA VAL A 438 -17.79 -7.24 4.53
C VAL A 438 -17.90 -8.62 3.88
N GLU A 439 -18.24 -8.67 2.59
CA GLU A 439 -18.35 -9.93 1.79
C GLU A 439 -17.02 -10.67 1.93
N THR A 440 -15.91 -9.96 1.74
CA THR A 440 -14.55 -10.52 1.94
C THR A 440 -14.46 -11.10 3.36
N TYR A 441 -14.72 -10.28 4.37
CA TYR A 441 -14.55 -10.61 5.81
C TYR A 441 -15.34 -11.88 6.13
N ARG A 442 -16.54 -12.00 5.55
CA ARG A 442 -17.55 -13.05 5.85
C ARG A 442 -17.04 -14.39 5.32
N ALA A 443 -16.31 -14.39 4.21
CA ALA A 443 -15.68 -15.60 3.64
C ALA A 443 -14.46 -16.02 4.47
N GLY A 444 -14.06 -15.23 5.49
CA GLY A 444 -12.99 -15.59 6.45
C GLY A 444 -11.64 -14.99 6.06
N LEU A 445 -11.61 -14.32 4.91
CA LEU A 445 -10.40 -13.65 4.35
C LEU A 445 -10.07 -12.42 5.20
N PRO A 446 -8.79 -11.98 5.15
CA PRO A 446 -8.39 -10.71 5.73
C PRO A 446 -8.87 -9.55 4.85
N VAL A 447 -8.85 -8.35 5.41
CA VAL A 447 -9.38 -7.08 4.81
C VAL A 447 -8.30 -6.01 4.94
N ASN A 448 -7.64 -5.69 3.83
CA ASN A 448 -6.50 -4.74 3.76
C ASN A 448 -5.42 -5.17 4.74
N LEU A 449 -4.69 -6.24 4.44
CA LEU A 449 -3.53 -6.61 5.28
C LEU A 449 -2.65 -5.37 5.40
N PRO A 450 -2.08 -5.04 6.58
CA PRO A 450 -1.11 -3.96 6.67
C PRO A 450 0.18 -4.29 5.88
N VAL A 451 0.88 -3.24 5.47
CA VAL A 451 2.16 -3.29 4.71
C VAL A 451 3.36 -3.13 5.67
N THR A 452 3.12 -2.96 6.97
CA THR A 452 4.13 -2.87 8.05
C THR A 452 4.29 -4.24 8.73
N ASP A 453 5.53 -4.69 8.90
CA ASP A 453 5.91 -5.85 9.74
C ASP A 453 5.63 -5.47 11.20
N GLU A 454 6.25 -4.37 11.66
CA GLU A 454 6.23 -3.80 13.04
C GLU A 454 6.00 -2.28 12.92
N GLY A 459 6.26 3.09 9.15
CA GLY A 459 7.22 3.55 8.13
C GLY A 459 6.86 4.94 7.60
N ASN A 460 7.45 5.33 6.45
CA ASN A 460 7.24 6.63 5.75
C ASN A 460 5.74 6.89 5.55
N PHE A 461 5.32 8.16 5.45
CA PHE A 461 3.91 8.60 5.56
C PHE A 461 3.05 8.01 4.41
N GLU A 462 3.64 7.76 3.24
CA GLU A 462 2.95 7.09 2.10
C GLU A 462 2.21 5.85 2.63
N ALA A 463 2.91 5.00 3.37
CA ALA A 463 2.42 3.72 3.93
C ALA A 463 1.23 3.96 4.87
N GLU A 464 1.37 4.88 5.83
CA GLU A 464 0.33 5.16 6.87
C GLU A 464 -0.97 5.60 6.18
N PHE A 465 -0.92 6.52 5.19
CA PHE A 465 -2.11 7.26 4.65
C PHE A 465 -2.92 6.39 3.66
N ARG A 466 -2.23 5.70 2.76
CA ARG A 466 -2.86 4.82 1.74
C ARG A 466 -3.65 3.71 2.44
N ASN A 467 -2.93 2.92 3.23
CA ASN A 467 -3.43 1.73 3.95
C ASN A 467 -3.74 2.15 5.41
N PHE A 468 -4.81 2.91 5.65
CA PHE A 468 -5.06 3.59 6.97
C PHE A 468 -5.91 2.72 7.89
N TRP A 469 -7.06 2.23 7.40
CA TRP A 469 -7.83 1.17 8.09
C TRP A 469 -7.42 -0.20 7.56
N THR A 470 -6.83 -1.04 8.40
CA THR A 470 -6.33 -2.37 7.97
C THR A 470 -7.05 -3.49 8.73
N ASN A 471 -6.69 -4.72 8.38
CA ASN A 471 -7.32 -5.99 8.83
C ASN A 471 -7.69 -5.92 10.31
N GLY A 472 -6.73 -5.56 11.14
CA GLY A 472 -6.91 -5.49 12.61
C GLY A 472 -7.99 -4.50 13.00
N SER A 473 -8.05 -3.35 12.34
CA SER A 473 -9.05 -2.31 12.68
C SER A 473 -10.44 -2.82 12.27
N TYR A 474 -10.52 -3.62 11.20
CA TYR A 474 -11.82 -4.19 10.72
C TYR A 474 -12.26 -5.28 11.70
N TYR A 475 -11.35 -6.14 12.15
CA TYR A 475 -11.70 -7.20 13.13
C TYR A 475 -12.17 -6.51 14.43
N CYS A 476 -11.38 -5.59 14.98
CA CYS A 476 -11.73 -4.74 16.15
C CYS A 476 -13.22 -4.35 16.13
N ILE A 477 -13.71 -3.84 14.99
CA ILE A 477 -15.08 -3.23 14.92
C ILE A 477 -16.12 -4.32 14.61
N PHE A 478 -15.95 -5.04 13.50
CA PHE A 478 -16.85 -6.15 13.09
C PHE A 478 -17.00 -7.12 14.28
N ALA A 479 -15.90 -7.76 14.70
CA ALA A 479 -15.86 -8.69 15.84
C ALA A 479 -16.48 -8.03 17.08
N GLY A 480 -15.99 -6.85 17.44
CA GLY A 480 -16.46 -6.09 18.62
C GLY A 480 -17.98 -5.98 18.63
N LEU A 481 -18.60 -5.75 17.47
CA LEU A 481 -20.07 -5.61 17.34
C LEU A 481 -20.74 -6.98 17.18
N GLY A 482 -19.92 -8.04 17.07
CA GLY A 482 -20.38 -9.43 16.91
C GLY A 482 -20.72 -9.81 15.48
N LEU A 483 -20.39 -9.01 14.46
CA LEU A 483 -20.36 -9.53 13.07
C LEU A 483 -19.12 -10.42 12.98
N MET A 484 -19.32 -11.66 12.52
CA MET A 484 -18.22 -12.67 12.44
C MET A 484 -18.23 -13.28 11.05
N PRO A 485 -17.09 -13.86 10.60
CA PRO A 485 -17.07 -14.64 9.37
C PRO A 485 -18.11 -15.77 9.43
N ARG A 486 -18.73 -16.04 8.27
CA ARG A 486 -19.63 -17.20 8.07
C ARG A 486 -18.91 -18.48 8.51
N ASN A 487 -17.58 -18.57 8.36
CA ASN A 487 -16.75 -19.74 8.77
C ASN A 487 -15.27 -19.38 8.86
N PRO A 488 -14.39 -20.23 9.44
CA PRO A 488 -12.96 -19.96 9.48
C PRO A 488 -12.34 -19.77 8.10
N LEU A 489 -11.14 -19.20 8.05
CA LEU A 489 -10.33 -19.21 6.80
C LEU A 489 -10.08 -20.65 6.44
N PRO A 490 -10.63 -21.17 5.30
CA PRO A 490 -10.48 -22.58 4.94
C PRO A 490 -9.03 -23.10 4.95
N ALA A 491 -8.05 -22.28 4.55
CA ALA A 491 -6.62 -22.69 4.55
C ALA A 491 -6.25 -23.22 5.94
N LEU A 492 -6.88 -22.73 7.00
CA LEU A 492 -6.48 -23.09 8.38
C LEU A 492 -6.74 -24.58 8.64
N ALA A 493 -7.70 -25.18 7.94
CA ALA A 493 -8.10 -26.60 8.05
C ALA A 493 -6.97 -27.52 7.58
N TYR A 494 -5.89 -26.99 6.98
CA TYR A 494 -4.78 -27.76 6.36
C TYR A 494 -3.45 -27.43 7.05
N LYS A 495 -3.45 -26.60 8.09
CA LYS A 495 -2.20 -26.02 8.64
C LYS A 495 -2.13 -26.24 10.15
N PRO A 496 -2.15 -27.52 10.61
CA PRO A 496 -2.11 -27.82 12.04
C PRO A 496 -0.89 -27.23 12.75
N GLN A 497 0.28 -27.27 12.10
CA GLN A 497 1.52 -26.68 12.66
C GLN A 497 1.28 -25.18 12.88
N SER A 498 0.63 -24.52 11.92
CA SER A 498 0.37 -23.07 11.96
C SER A 498 -0.54 -22.76 13.15
N ILE A 499 -1.61 -23.55 13.34
CA ILE A 499 -2.53 -23.42 14.50
C ILE A 499 -1.70 -23.42 15.81
N ALA A 500 -0.78 -24.39 15.92
CA ALA A 500 0.12 -24.58 17.09
C ALA A 500 0.96 -23.33 17.34
N GLU A 501 1.68 -22.86 16.30
CA GLU A 501 2.53 -21.64 16.30
C GLU A 501 1.69 -20.45 16.83
N ALA A 502 0.41 -20.41 16.49
CA ALA A 502 -0.54 -19.34 16.85
C ALA A 502 -0.84 -19.38 18.35
N GLU A 503 -0.94 -20.56 18.95
CA GLU A 503 -1.18 -20.72 20.40
C GLU A 503 0.00 -20.10 21.15
N LEU A 504 1.23 -20.34 20.69
CA LEU A 504 2.44 -19.75 21.33
C LEU A 504 2.33 -18.22 21.23
N LEU A 505 1.68 -17.71 20.17
CA LEU A 505 1.47 -16.24 20.01
C LEU A 505 0.40 -15.77 21.01
N PHE A 506 -0.69 -16.52 21.19
CA PHE A 506 -1.77 -16.16 22.15
C PHE A 506 -1.22 -16.14 23.57
N ALA A 507 -0.26 -17.03 23.83
CA ALA A 507 0.44 -17.21 25.13
C ALA A 507 1.36 -16.01 25.35
N ASP A 508 2.22 -15.70 24.37
CA ASP A 508 3.12 -14.51 24.36
C ASP A 508 2.31 -13.26 24.70
N VAL A 509 1.08 -13.14 24.19
CA VAL A 509 0.18 -11.98 24.47
C VAL A 509 -0.22 -12.01 25.95
N LYS A 510 -0.68 -13.15 26.46
CA LYS A 510 -1.14 -13.27 27.87
C LYS A 510 0.02 -12.86 28.80
N ARG A 511 1.22 -13.35 28.48
CA ARG A 511 2.48 -13.17 29.25
C ARG A 511 2.80 -11.67 29.26
N LYS A 512 2.87 -11.07 28.07
CA LYS A 512 3.15 -9.62 27.86
C LYS A 512 2.19 -8.80 28.74
N GLY A 513 0.90 -9.11 28.71
CA GLY A 513 -0.15 -8.34 29.41
C GLY A 513 -0.01 -8.45 30.92
N ASP A 514 0.35 -9.63 31.42
CA ASP A 514 0.43 -9.90 32.88
C ASP A 514 1.71 -9.26 33.41
N THR A 515 2.84 -9.40 32.70
CA THR A 515 4.16 -8.80 33.07
C THR A 515 4.04 -7.28 33.14
N LEU A 516 3.22 -6.67 32.27
CA LEU A 516 3.11 -5.20 32.14
C LEU A 516 2.03 -4.69 33.10
N VAL A 517 0.90 -5.37 33.22
CA VAL A 517 -0.15 -4.97 34.21
C VAL A 517 0.51 -4.92 35.61
N GLU A 518 1.57 -5.72 35.83
CA GLU A 518 2.39 -5.71 37.07
C GLU A 518 3.32 -4.51 37.08
N SER A 519 4.27 -4.49 36.13
CA SER A 519 5.51 -3.66 36.19
C SER A 519 5.26 -2.20 35.76
N LEU A 520 4.18 -1.90 35.03
CA LEU A 520 3.92 -0.55 34.46
C LEU A 520 3.41 0.38 35.55
N PRO A 521 3.78 1.69 35.52
CA PRO A 521 3.11 2.71 36.33
C PRO A 521 1.66 2.83 35.86
N SER A 522 0.79 3.44 36.68
CA SER A 522 -0.58 3.80 36.26
C SER A 522 -0.48 5.02 35.35
N THR A 523 -1.48 5.23 34.50
CA THR A 523 -1.63 6.46 33.69
C THR A 523 -1.41 7.65 34.63
N TYR A 524 -2.25 7.73 35.67
CA TYR A 524 -2.28 8.84 36.67
C TYR A 524 -0.87 9.20 37.14
N ASP A 525 -0.06 8.19 37.46
CA ASP A 525 1.30 8.37 38.01
C ASP A 525 2.20 8.98 36.93
N LEU A 526 2.08 8.55 35.67
CA LEU A 526 2.93 9.09 34.56
C LEU A 526 2.54 10.53 34.25
N LEU A 527 1.25 10.86 34.23
CA LEU A 527 0.77 12.25 34.00
C LEU A 527 1.37 13.15 35.07
N ARG A 528 1.23 12.77 36.34
CA ARG A 528 1.74 13.53 37.52
C ARG A 528 3.23 13.83 37.33
N GLN A 529 4.05 12.86 36.92
CA GLN A 529 5.50 13.05 36.65
C GLN A 529 5.67 14.08 35.52
N LEU A 530 5.02 13.84 34.38
CA LEU A 530 5.12 14.65 33.14
C LEU A 530 4.72 16.11 33.39
N HIS A 531 3.64 16.36 34.13
CA HIS A 531 3.14 17.72 34.47
C HIS A 531 3.73 18.19 35.81
N GLY A 532 5.03 17.91 36.05
CA GLY A 532 5.79 18.24 37.27
C GLY A 532 5.02 19.14 38.23
N ASP B 5 -15.73 -33.71 7.64
CA ASP B 5 -14.45 -33.36 6.92
C ASP B 5 -14.79 -32.95 5.48
N ASN B 6 -15.05 -31.66 5.26
CA ASN B 6 -15.43 -31.12 3.93
C ASN B 6 -14.17 -30.80 3.09
N ARG B 7 -12.97 -31.09 3.63
CA ARG B 7 -11.67 -30.70 3.05
C ARG B 7 -11.41 -31.36 1.70
N ILE B 8 -10.64 -30.64 0.88
CA ILE B 8 -9.89 -31.17 -0.29
C ILE B 8 -9.00 -32.29 0.25
N LYS B 9 -9.03 -33.46 -0.39
CA LYS B 9 -8.21 -34.61 0.02
C LYS B 9 -7.07 -34.80 -0.98
N THR B 10 -7.27 -34.42 -2.24
CA THR B 10 -6.31 -34.68 -3.34
C THR B 10 -6.26 -33.50 -4.31
N VAL B 11 -5.06 -32.98 -4.56
CA VAL B 11 -4.78 -31.97 -5.61
C VAL B 11 -4.06 -32.68 -6.74
N VAL B 12 -4.59 -32.62 -7.95
CA VAL B 12 -3.94 -33.13 -9.19
C VAL B 12 -3.46 -31.90 -9.96
N ILE B 13 -2.15 -31.81 -10.19
CA ILE B 13 -1.49 -30.78 -11.03
C ILE B 13 -1.27 -31.42 -12.40
N LEU B 14 -1.84 -30.86 -13.46
CA LEU B 14 -1.51 -31.31 -14.84
C LEU B 14 -0.31 -30.49 -15.36
N GLY B 15 0.69 -31.16 -15.91
CA GLY B 15 1.87 -30.54 -16.54
C GLY B 15 2.99 -30.33 -15.52
N GLY B 16 4.25 -30.50 -15.96
CA GLY B 16 5.42 -30.24 -15.12
C GLY B 16 6.06 -28.89 -15.44
N GLY B 17 7.37 -28.90 -15.73
CA GLY B 17 8.17 -27.67 -15.92
C GLY B 17 8.13 -26.80 -14.69
N THR B 18 8.71 -25.62 -14.77
CA THR B 18 8.73 -24.65 -13.64
C THR B 18 7.35 -24.58 -12.98
N ALA B 19 6.27 -24.37 -13.76
CA ALA B 19 4.91 -24.06 -13.24
C ALA B 19 4.39 -25.20 -12.35
N GLY B 20 4.36 -26.43 -12.88
CA GLY B 20 3.85 -27.63 -12.16
C GLY B 20 4.66 -27.95 -10.90
N TRP B 21 5.98 -27.90 -10.96
CA TRP B 21 6.82 -28.36 -9.83
C TRP B 21 6.95 -27.24 -8.80
N MET B 22 6.93 -25.98 -9.20
CA MET B 22 6.80 -24.88 -8.22
C MET B 22 5.49 -25.06 -7.47
N THR B 23 4.40 -25.40 -8.18
CA THR B 23 3.06 -25.59 -7.56
C THR B 23 3.13 -26.76 -6.59
N ALA B 24 3.70 -27.89 -7.04
CA ALA B 24 3.76 -29.14 -6.25
C ALA B 24 4.56 -28.88 -4.96
N ALA B 25 5.72 -28.21 -5.07
CA ALA B 25 6.61 -28.01 -3.91
C ALA B 25 5.93 -27.04 -2.93
N TYR B 26 5.37 -25.94 -3.44
CA TYR B 26 4.78 -24.90 -2.57
C TYR B 26 3.60 -25.52 -1.84
N LEU B 27 2.68 -26.15 -2.57
CA LEU B 27 1.45 -26.75 -1.98
C LEU B 27 1.84 -27.85 -0.99
N GLY B 28 2.92 -28.59 -1.31
CA GLY B 28 3.54 -29.61 -0.44
C GLY B 28 3.73 -29.05 0.96
N LYS B 29 4.46 -27.95 1.05
CA LYS B 29 4.81 -27.27 2.33
C LYS B 29 3.57 -26.58 2.91
N ALA B 30 2.85 -25.83 2.09
CA ALA B 30 1.68 -25.02 2.53
C ALA B 30 0.67 -25.91 3.24
N LEU B 31 0.41 -27.10 2.68
CA LEU B 31 -0.75 -27.93 3.10
C LEU B 31 -0.32 -29.02 4.10
N GLN B 32 0.97 -29.11 4.41
CA GLN B 32 1.51 -29.82 5.62
C GLN B 32 1.08 -31.29 5.61
N ASN B 33 1.08 -31.91 4.42
CA ASN B 33 0.82 -33.36 4.21
C ASN B 33 -0.58 -33.73 4.74
N THR B 34 -1.56 -32.84 4.62
CA THR B 34 -2.99 -33.11 4.88
C THR B 34 -3.73 -33.35 3.56
N VAL B 35 -2.99 -33.25 2.45
CA VAL B 35 -3.52 -33.30 1.06
C VAL B 35 -2.51 -34.06 0.19
N LYS B 36 -2.99 -35.06 -0.56
CA LYS B 36 -2.15 -35.80 -1.55
C LYS B 36 -1.99 -34.91 -2.78
N ILE B 37 -0.76 -34.77 -3.26
CA ILE B 37 -0.41 -33.90 -4.42
C ILE B 37 0.20 -34.79 -5.49
N VAL B 38 -0.42 -34.80 -6.66
CA VAL B 38 -0.03 -35.62 -7.84
C VAL B 38 0.30 -34.66 -8.98
N VAL B 39 1.43 -34.88 -9.65
CA VAL B 39 1.79 -34.21 -10.92
C VAL B 39 1.66 -35.25 -12.05
N LEU B 40 1.08 -34.87 -13.19
CA LEU B 40 0.90 -35.72 -14.39
C LEU B 40 1.60 -35.07 -15.58
N GLU B 41 2.83 -35.50 -15.88
CA GLU B 41 3.82 -34.81 -16.78
C GLU B 41 4.22 -35.78 -17.89
N ALA B 42 4.08 -35.38 -19.16
CA ALA B 42 4.73 -36.02 -20.33
C ALA B 42 6.27 -36.05 -20.10
N VAL B 50 17.24 -21.73 -23.39
CA VAL B 50 16.65 -20.39 -23.69
C VAL B 50 16.99 -19.42 -22.56
N GLY B 51 17.00 -19.85 -21.30
CA GLY B 51 17.31 -18.98 -20.15
C GLY B 51 16.07 -18.26 -19.63
N GLU B 52 16.07 -17.97 -18.32
CA GLU B 52 14.95 -17.32 -17.61
C GLU B 52 15.52 -16.31 -16.62
N ALA B 53 15.08 -15.06 -16.70
CA ALA B 53 15.41 -14.00 -15.71
C ALA B 53 14.28 -13.92 -14.69
N THR B 54 14.62 -13.50 -13.47
CA THR B 54 13.66 -13.36 -12.34
C THR B 54 13.78 -11.96 -11.70
N VAL B 55 12.86 -11.66 -10.79
CA VAL B 55 12.89 -10.45 -9.91
C VAL B 55 13.27 -10.95 -8.51
N PRO B 56 13.66 -10.04 -7.58
CA PRO B 56 14.31 -10.46 -6.33
C PRO B 56 13.47 -11.13 -5.23
N ASN B 57 12.13 -11.14 -5.30
CA ASN B 57 11.31 -11.74 -4.20
C ASN B 57 11.32 -13.27 -4.34
N LEU B 58 11.95 -13.83 -5.37
CA LEU B 58 11.96 -15.30 -5.63
C LEU B 58 12.48 -16.06 -4.40
N GLN B 59 13.50 -15.53 -3.72
CA GLN B 59 14.06 -16.18 -2.53
C GLN B 59 13.14 -15.95 -1.34
N ARG B 60 12.71 -14.71 -1.12
CA ARG B 60 11.84 -14.33 0.03
C ARG B 60 10.54 -15.13 0.00
N ALA B 61 9.90 -15.24 -1.17
CA ALA B 61 8.47 -15.61 -1.30
C ALA B 61 8.30 -17.08 -1.69
N PHE B 62 9.37 -17.74 -2.14
CA PHE B 62 9.32 -19.15 -2.64
C PHE B 62 10.35 -20.04 -1.92
N PHE B 63 11.63 -19.96 -2.29
CA PHE B 63 12.72 -20.83 -1.76
C PHE B 63 12.76 -20.74 -0.22
N ASP B 64 12.54 -19.55 0.36
CA ASP B 64 12.59 -19.37 1.84
C ASP B 64 11.37 -20.06 2.48
N TYR B 65 10.25 -20.17 1.78
CA TYR B 65 9.03 -20.82 2.33
C TYR B 65 9.29 -22.33 2.36
N LEU B 66 9.96 -22.83 1.32
CA LEU B 66 10.34 -24.25 1.15
C LEU B 66 11.50 -24.60 2.08
N GLY B 67 12.15 -23.59 2.65
CA GLY B 67 13.35 -23.75 3.50
C GLY B 67 14.55 -24.30 2.73
N ILE B 68 14.66 -23.96 1.45
CA ILE B 68 15.84 -24.27 0.60
C ILE B 68 16.74 -23.03 0.59
N PRO B 69 17.99 -23.09 1.09
CA PRO B 69 18.87 -21.93 1.07
C PRO B 69 19.30 -21.59 -0.38
N GLU B 70 19.63 -20.32 -0.61
CA GLU B 70 19.87 -19.76 -1.97
C GLU B 70 20.99 -20.53 -2.69
N GLU B 71 22.09 -20.83 -1.98
CA GLU B 71 23.31 -21.46 -2.59
C GLU B 71 22.94 -22.84 -3.15
N GLU B 72 22.08 -23.58 -2.42
CA GLU B 72 21.73 -24.99 -2.72
C GLU B 72 21.08 -25.07 -4.10
N TRP B 73 20.05 -24.23 -4.35
CA TRP B 73 19.22 -24.29 -5.58
C TRP B 73 20.00 -23.66 -6.75
N MET B 74 20.82 -22.66 -6.44
CA MET B 74 21.69 -21.94 -7.41
C MET B 74 22.70 -22.95 -8.00
N ARG B 75 23.44 -23.65 -7.14
CA ARG B 75 24.50 -24.64 -7.52
C ARG B 75 23.91 -25.72 -8.45
N GLU B 76 22.63 -26.07 -8.28
CA GLU B 76 22.00 -27.24 -8.94
C GLU B 76 21.34 -26.84 -10.27
N CYS B 77 21.22 -25.56 -10.61
CA CYS B 77 20.57 -25.10 -11.87
C CYS B 77 21.41 -24.06 -12.63
N ASN B 78 22.72 -23.99 -12.36
CA ASN B 78 23.72 -23.19 -13.10
C ASN B 78 23.28 -21.71 -13.08
N ALA B 79 22.99 -21.20 -11.89
CA ALA B 79 22.37 -19.88 -11.67
C ALA B 79 23.43 -18.78 -11.70
N SER B 80 23.16 -17.67 -12.40
CA SER B 80 23.97 -16.43 -12.39
C SER B 80 23.14 -15.30 -11.73
N TYR B 81 23.83 -14.20 -11.40
CA TYR B 81 23.28 -12.98 -10.74
C TYR B 81 22.75 -11.99 -11.78
N LYS B 82 21.71 -11.23 -11.39
CA LYS B 82 20.99 -10.21 -12.21
C LYS B 82 20.67 -8.98 -11.34
N MET B 83 21.30 -7.83 -11.64
CA MET B 83 21.13 -6.57 -10.87
C MET B 83 20.18 -5.61 -11.59
N ALA B 84 19.85 -5.89 -12.86
CA ALA B 84 18.93 -5.06 -13.67
C ALA B 84 18.52 -5.77 -14.95
N VAL B 85 17.57 -5.18 -15.66
CA VAL B 85 17.41 -5.37 -17.12
C VAL B 85 18.00 -4.10 -17.76
N LYS B 86 18.86 -4.27 -18.76
CA LYS B 86 19.62 -3.20 -19.46
C LYS B 86 19.08 -3.13 -20.88
N PHE B 87 18.72 -1.94 -21.35
CA PHE B 87 17.95 -1.72 -22.60
C PHE B 87 18.85 -1.05 -23.64
N ILE B 88 19.27 -1.84 -24.63
CA ILE B 88 20.21 -1.44 -25.71
C ILE B 88 19.42 -1.08 -26.98
N ASN B 89 19.56 0.18 -27.41
CA ASN B 89 19.16 0.67 -28.74
C ASN B 89 17.64 0.72 -28.85
N TRP B 90 16.97 1.19 -27.78
CA TRP B 90 15.49 1.30 -27.71
C TRP B 90 15.02 2.65 -28.23
N ARG B 91 15.97 3.55 -28.51
CA ARG B 91 15.71 4.98 -28.88
C ARG B 91 16.19 5.25 -30.31
N THR B 92 17.33 4.68 -30.69
CA THR B 92 17.99 4.85 -32.02
C THR B 92 17.43 3.84 -33.02
N PRO B 93 17.39 4.17 -34.33
CA PRO B 93 16.88 3.26 -35.35
C PRO B 93 17.92 2.29 -35.96
N GLY B 94 17.43 1.31 -36.74
CA GLY B 94 18.23 0.38 -37.56
C GLY B 94 18.24 -1.06 -37.07
N GLU B 95 18.89 -1.96 -37.82
CA GLU B 95 19.06 -3.41 -37.52
C GLU B 95 19.64 -3.58 -36.11
N GLY B 96 19.30 -4.71 -35.48
CA GLY B 96 19.71 -5.00 -34.09
C GLY B 96 21.20 -5.19 -34.01
N SER B 97 21.81 -4.79 -32.90
CA SER B 97 23.25 -5.06 -32.62
C SER B 97 23.49 -5.09 -31.12
N PRO B 98 24.37 -5.96 -30.59
CA PRO B 98 24.73 -5.95 -29.17
C PRO B 98 25.56 -4.72 -28.77
N ASP B 99 26.11 -4.03 -29.76
CA ASP B 99 26.83 -2.73 -29.59
C ASP B 99 25.78 -1.61 -29.56
N PRO B 100 25.81 -0.73 -28.55
CA PRO B 100 24.85 0.36 -28.48
C PRO B 100 25.15 1.51 -29.46
N ARG B 101 24.18 1.89 -30.28
CA ARG B 101 24.26 3.06 -31.19
C ARG B 101 24.41 4.34 -30.36
N THR B 102 24.59 5.48 -31.03
CA THR B 102 24.81 6.84 -30.44
C THR B 102 23.60 7.73 -30.80
N LEU B 103 23.10 8.49 -29.81
CA LEU B 103 21.79 9.20 -29.89
C LEU B 103 21.91 10.49 -30.69
N ASP B 104 20.76 11.13 -31.00
CA ASP B 104 20.66 12.53 -31.50
C ASP B 104 21.55 13.46 -30.66
N ASP B 105 21.56 13.30 -29.33
CA ASP B 105 22.30 14.19 -28.39
C ASP B 105 23.67 13.57 -28.05
N GLY B 106 24.11 12.58 -28.84
CA GLY B 106 25.50 12.10 -28.87
C GLY B 106 25.70 10.85 -28.04
N HIS B 107 25.02 10.72 -26.89
CA HIS B 107 25.32 9.71 -25.83
C HIS B 107 24.89 8.32 -26.32
N THR B 108 25.26 7.27 -25.59
CA THR B 108 25.07 5.84 -25.96
C THR B 108 23.69 5.35 -25.53
N ASP B 109 22.95 4.71 -26.44
CA ASP B 109 21.55 4.24 -26.24
C ASP B 109 21.56 2.99 -25.35
N THR B 110 21.95 3.15 -24.08
CA THR B 110 21.80 2.14 -22.99
C THR B 110 21.16 2.82 -21.78
N PHE B 111 20.12 2.21 -21.20
CA PHE B 111 19.58 2.59 -19.86
C PHE B 111 19.29 1.33 -19.03
N HIS B 112 19.57 1.41 -17.73
CA HIS B 112 19.39 0.31 -16.76
C HIS B 112 18.07 0.47 -15.99
N HIS B 113 17.44 -0.66 -15.65
CA HIS B 113 16.30 -0.79 -14.70
C HIS B 113 16.76 -1.66 -13.56
N PRO B 114 17.50 -1.12 -12.58
CA PRO B 114 18.02 -1.91 -11.47
C PRO B 114 17.00 -2.16 -10.33
N PHE B 115 17.37 -3.00 -9.37
CA PHE B 115 16.53 -3.39 -8.21
C PHE B 115 16.98 -2.60 -6.98
N GLY B 116 18.08 -1.83 -7.08
CA GLY B 116 18.51 -0.91 -6.00
C GLY B 116 17.39 0.04 -5.61
N LEU B 117 17.38 0.52 -4.35
CA LEU B 117 16.37 1.49 -3.85
C LEU B 117 16.86 2.91 -4.15
N LEU B 118 15.93 3.86 -4.26
CA LEU B 118 16.23 5.31 -4.35
C LEU B 118 16.23 5.91 -2.94
N PRO B 119 17.28 6.64 -2.53
CA PRO B 119 17.25 7.36 -1.26
C PRO B 119 16.40 8.62 -1.44
N SER B 120 15.90 9.19 -0.34
CA SER B 120 15.05 10.39 -0.33
C SER B 120 15.70 11.47 0.53
N ALA B 121 15.50 12.73 0.14
CA ALA B 121 15.69 13.92 0.99
C ALA B 121 14.33 14.61 1.13
N ASP B 122 14.00 15.07 2.34
CA ASP B 122 12.77 15.84 2.64
C ASP B 122 11.57 15.08 2.10
N GLN B 123 11.60 13.73 2.26
CA GLN B 123 10.51 12.80 1.86
C GLN B 123 10.27 12.85 0.35
N ILE B 124 11.23 13.36 -0.42
CA ILE B 124 11.13 13.38 -1.91
C ILE B 124 12.23 12.47 -2.46
N PRO B 125 11.88 11.50 -3.34
CA PRO B 125 12.87 10.58 -3.88
C PRO B 125 13.91 11.34 -4.72
N LEU B 126 15.12 10.80 -4.79
CA LEU B 126 16.27 11.36 -5.56
C LEU B 126 15.90 11.52 -7.04
N SER B 127 15.06 10.63 -7.59
CA SER B 127 14.60 10.71 -8.99
C SER B 127 14.20 12.16 -9.32
N HIS B 128 13.60 12.85 -8.35
CA HIS B 128 12.91 14.14 -8.55
C HIS B 128 13.92 15.30 -8.53
N TYR B 129 14.95 15.20 -7.68
CA TYR B 129 16.10 16.14 -7.63
C TYR B 129 16.83 16.06 -8.98
N TRP B 130 17.15 14.84 -9.43
CA TRP B 130 17.84 14.61 -10.72
C TRP B 130 17.03 15.20 -11.88
N ALA B 131 15.71 15.01 -11.88
CA ALA B 131 14.85 15.54 -12.96
C ALA B 131 14.99 17.06 -12.99
N ALA B 132 14.89 17.71 -11.82
CA ALA B 132 15.05 19.17 -11.64
C ALA B 132 16.35 19.61 -12.30
N LYS B 133 17.49 19.04 -11.89
CA LYS B 133 18.82 19.39 -12.43
C LYS B 133 18.83 19.17 -13.96
N ARG B 134 18.33 18.04 -14.44
CA ARG B 134 18.42 17.68 -15.88
C ARG B 134 17.60 18.68 -16.68
N LEU B 135 16.39 18.98 -16.22
CA LEU B 135 15.41 19.85 -16.92
C LEU B 135 15.95 21.28 -16.97
N GLN B 136 16.72 21.68 -15.96
CA GLN B 136 17.28 23.04 -15.80
C GLN B 136 18.74 23.08 -16.29
N GLY B 137 19.15 22.15 -17.17
CA GLY B 137 20.51 22.05 -17.76
C GLY B 137 21.68 22.00 -16.76
N GLU B 138 21.46 21.82 -15.45
CA GLU B 138 22.49 21.89 -14.37
C GLU B 138 23.19 20.53 -14.17
N THR B 139 22.88 19.54 -15.02
CA THR B 139 23.60 18.23 -15.15
C THR B 139 23.33 17.61 -16.52
N ASP B 140 24.26 16.77 -17.00
CA ASP B 140 24.14 16.02 -18.27
C ASP B 140 24.18 14.52 -17.99
N GLU B 141 24.17 14.12 -16.71
CA GLU B 141 24.07 12.71 -16.28
C GLU B 141 22.70 12.14 -16.70
N ASN B 142 22.66 10.89 -17.15
CA ASN B 142 21.41 10.09 -17.28
C ASN B 142 20.93 9.75 -15.87
N PHE B 143 19.64 9.42 -15.70
CA PHE B 143 19.04 9.06 -14.39
C PHE B 143 19.80 7.87 -13.79
N ASP B 144 19.94 6.77 -14.57
CA ASP B 144 20.47 5.47 -14.04
C ASP B 144 21.81 5.72 -13.35
N GLU B 145 22.75 6.37 -14.03
CA GLU B 145 24.15 6.64 -13.54
C GLU B 145 24.15 7.52 -12.30
N ALA B 146 23.30 8.54 -12.27
CA ALA B 146 23.33 9.59 -11.23
C ALA B 146 22.74 9.06 -9.91
N CYS B 147 21.77 8.13 -9.98
CA CYS B 147 20.87 7.80 -8.85
C CYS B 147 21.16 6.41 -8.24
N PHE B 148 21.70 5.48 -9.02
CA PHE B 148 21.93 4.08 -8.60
C PHE B 148 23.42 3.74 -8.66
N ALA B 149 24.05 3.51 -7.49
CA ALA B 149 25.39 2.88 -7.38
C ALA B 149 25.42 1.61 -8.23
N ASP B 150 24.35 0.83 -8.21
CA ASP B 150 24.21 -0.45 -8.96
C ASP B 150 24.77 -0.25 -10.38
N THR B 151 24.46 0.87 -11.03
CA THR B 151 24.80 1.14 -12.44
C THR B 151 26.31 1.06 -12.66
N ALA B 152 27.10 1.69 -11.80
CA ALA B 152 28.58 1.72 -11.86
C ALA B 152 29.08 0.27 -11.85
N ILE B 153 28.53 -0.50 -10.91
CA ILE B 153 28.87 -1.94 -10.62
C ILE B 153 28.56 -2.78 -11.86
N MET B 154 27.41 -2.58 -12.49
CA MET B 154 27.03 -3.36 -13.69
C MET B 154 27.95 -2.99 -14.86
N ASN B 155 28.34 -1.73 -15.00
CA ASN B 155 29.28 -1.25 -16.06
C ASN B 155 30.61 -1.99 -15.87
N ALA B 156 31.07 -2.14 -14.62
CA ALA B 156 32.32 -2.81 -14.21
C ALA B 156 32.11 -4.31 -13.93
N LYS B 157 31.05 -4.91 -14.48
CA LYS B 157 30.78 -6.38 -14.48
C LYS B 157 31.02 -7.02 -13.10
N LYS B 158 30.83 -6.29 -11.99
CA LYS B 158 31.08 -6.78 -10.61
C LYS B 158 29.88 -7.56 -10.06
N ALA B 159 30.15 -8.39 -9.06
CA ALA B 159 29.14 -9.25 -8.39
C ALA B 159 28.40 -8.39 -7.36
N PRO B 160 27.17 -8.78 -6.99
CA PRO B 160 26.41 -8.09 -5.96
C PRO B 160 26.69 -8.55 -4.52
N ARG B 161 27.58 -9.53 -4.36
CA ARG B 161 28.11 -9.96 -3.02
C ARG B 161 29.63 -9.99 -3.09
N PHE B 162 30.28 -9.78 -1.94
CA PHE B 162 31.73 -10.06 -1.70
C PHE B 162 31.96 -11.58 -1.67
N LEU B 163 33.21 -12.04 -1.76
CA LEU B 163 33.58 -13.49 -1.76
C LEU B 163 33.14 -14.12 -0.43
N ASP B 164 33.21 -13.37 0.67
CA ASP B 164 32.76 -13.80 2.03
C ASP B 164 31.22 -13.83 2.09
N MET B 165 30.55 -13.43 1.00
CA MET B 165 29.08 -13.53 0.77
C MET B 165 28.33 -12.50 1.63
N ARG B 166 28.99 -11.42 2.07
CA ARG B 166 28.27 -10.21 2.55
C ARG B 166 27.58 -9.59 1.32
N ARG B 167 26.34 -9.14 1.50
CA ARG B 167 25.51 -8.57 0.42
C ARG B 167 26.00 -7.15 0.13
N ALA B 168 26.14 -6.77 -1.14
CA ALA B 168 26.52 -5.39 -1.57
C ALA B 168 25.29 -4.57 -2.02
N THR B 169 24.58 -5.05 -3.04
CA THR B 169 23.28 -4.49 -3.51
C THR B 169 22.14 -5.50 -3.33
N ASN B 170 20.91 -5.11 -3.63
CA ASN B 170 19.82 -6.08 -3.90
C ASN B 170 20.19 -6.75 -5.22
N TYR B 171 19.63 -7.94 -5.52
CA TYR B 171 19.79 -8.63 -6.82
C TYR B 171 18.74 -9.74 -6.99
N ALA B 172 18.61 -10.21 -8.23
CA ALA B 172 17.80 -11.39 -8.62
C ALA B 172 18.71 -12.40 -9.35
N TRP B 173 18.13 -13.21 -10.27
CA TRP B 173 18.73 -14.47 -10.77
C TRP B 173 18.40 -14.72 -12.24
N HIS B 174 19.40 -15.23 -12.97
CA HIS B 174 19.24 -15.93 -14.27
C HIS B 174 19.39 -17.43 -13.98
N PHE B 175 18.67 -18.29 -14.70
CA PHE B 175 18.84 -19.76 -14.57
C PHE B 175 18.25 -20.48 -15.79
N ASP B 176 18.50 -21.80 -15.83
CA ASP B 176 17.91 -22.75 -16.80
C ASP B 176 16.56 -23.24 -16.24
N ALA B 177 15.46 -22.82 -16.85
CA ALA B 177 14.08 -23.18 -16.46
C ALA B 177 14.01 -24.69 -16.14
N SER B 178 14.33 -25.53 -17.12
CA SER B 178 14.21 -27.01 -17.04
C SER B 178 15.03 -27.55 -15.86
N LYS B 179 16.19 -26.96 -15.56
CA LYS B 179 17.04 -27.43 -14.43
C LYS B 179 16.36 -27.10 -13.09
N VAL B 180 15.70 -25.94 -12.97
CA VAL B 180 14.97 -25.54 -11.73
C VAL B 180 13.82 -26.53 -11.54
N ALA B 181 13.09 -26.80 -12.61
CA ALA B 181 12.02 -27.82 -12.65
C ALA B 181 12.57 -29.14 -12.06
N ALA B 182 13.65 -29.65 -12.65
CA ALA B 182 14.32 -30.89 -12.23
C ALA B 182 14.65 -30.82 -10.73
N PHE B 183 15.33 -29.76 -10.26
CA PHE B 183 15.72 -29.63 -8.84
C PHE B 183 14.45 -29.70 -7.97
N LEU B 184 13.38 -29.03 -8.40
CA LEU B 184 12.14 -28.91 -7.59
C LEU B 184 11.40 -30.25 -7.58
N ARG B 185 11.15 -30.85 -8.75
CA ARG B 185 10.57 -32.22 -8.89
C ARG B 185 11.21 -33.13 -7.82
N ASN B 186 12.53 -33.23 -7.87
CA ASN B 186 13.33 -34.10 -6.96
C ASN B 186 13.03 -33.72 -5.51
N PHE B 187 13.05 -32.42 -5.21
CA PHE B 187 12.71 -31.88 -3.87
C PHE B 187 11.32 -32.38 -3.49
N ALA B 188 10.35 -32.18 -4.38
CA ALA B 188 8.91 -32.42 -4.14
C ALA B 188 8.67 -33.91 -3.90
N VAL B 189 9.24 -34.78 -4.77
CA VAL B 189 9.06 -36.26 -4.72
C VAL B 189 9.66 -36.82 -3.42
N THR B 190 10.96 -36.62 -3.19
CA THR B 190 11.73 -37.21 -2.06
C THR B 190 11.32 -36.55 -0.73
N LYS B 191 11.41 -35.23 -0.61
CA LYS B 191 11.28 -34.54 0.70
C LYS B 191 9.81 -34.18 1.02
N GLN B 192 8.85 -34.38 0.11
CA GLN B 192 7.49 -33.81 0.29
C GLN B 192 6.33 -34.67 -0.23
N ALA B 193 6.53 -35.97 -0.44
CA ALA B 193 5.45 -36.97 -0.64
C ALA B 193 4.72 -36.81 -1.98
N VAL B 194 5.14 -35.91 -2.85
CA VAL B 194 4.45 -35.70 -4.16
C VAL B 194 4.65 -36.96 -5.04
N GLU B 195 3.56 -37.52 -5.57
CA GLU B 195 3.59 -38.62 -6.55
C GLU B 195 3.72 -38.05 -7.96
N HIS B 196 4.81 -38.41 -8.64
CA HIS B 196 5.07 -38.06 -10.07
C HIS B 196 4.52 -39.18 -10.96
N VAL B 197 3.65 -38.87 -11.91
CA VAL B 197 3.08 -39.88 -12.84
C VAL B 197 3.48 -39.53 -14.27
N GLU B 198 4.47 -40.24 -14.85
CA GLU B 198 4.93 -40.06 -16.25
C GLU B 198 3.97 -40.78 -17.21
N ASP B 199 3.20 -40.03 -17.99
CA ASP B 199 2.07 -40.54 -18.81
C ASP B 199 1.39 -39.34 -19.48
N GLU B 200 0.79 -39.55 -20.65
CA GLU B 200 -0.08 -38.52 -21.27
C GLU B 200 -1.43 -38.52 -20.54
N MET B 201 -2.04 -37.34 -20.47
CA MET B 201 -3.47 -37.13 -20.16
C MET B 201 -4.21 -37.31 -21.49
N THR B 202 -5.35 -38.00 -21.53
CA THR B 202 -6.12 -38.27 -22.78
C THR B 202 -7.59 -37.87 -22.64
N GLU B 203 -8.09 -37.70 -21.40
CA GLU B 203 -9.51 -37.35 -21.14
C GLU B 203 -9.65 -36.67 -19.78
N VAL B 204 -10.47 -35.63 -19.74
CA VAL B 204 -10.84 -34.92 -18.49
C VAL B 204 -12.27 -35.32 -18.14
N LEU B 205 -12.42 -36.10 -17.09
CA LEU B 205 -13.76 -36.57 -16.65
C LEU B 205 -14.37 -35.49 -15.77
N THR B 206 -15.61 -35.13 -16.07
CA THR B 206 -16.36 -33.99 -15.45
C THR B 206 -17.70 -34.49 -14.97
N ASP B 207 -18.11 -34.10 -13.76
CA ASP B 207 -19.40 -34.52 -13.19
C ASP B 207 -20.51 -33.69 -13.85
N GLU B 208 -21.74 -33.82 -13.33
CA GLU B 208 -22.97 -33.20 -13.86
C GLU B 208 -22.87 -31.67 -13.81
N ARG B 209 -22.10 -31.11 -12.86
CA ARG B 209 -22.01 -29.66 -12.53
C ARG B 209 -20.86 -29.01 -13.31
N GLY B 210 -20.09 -29.80 -14.06
CA GLY B 210 -18.98 -29.29 -14.86
C GLY B 210 -17.70 -29.23 -14.05
N PHE B 211 -17.70 -29.79 -12.83
CA PHE B 211 -16.48 -29.97 -11.99
C PHE B 211 -15.67 -31.13 -12.59
N ILE B 212 -14.35 -31.03 -12.50
CA ILE B 212 -13.43 -32.14 -12.85
C ILE B 212 -13.49 -33.14 -11.69
N THR B 213 -13.69 -34.42 -12.00
CA THR B 213 -13.68 -35.57 -11.05
C THR B 213 -12.33 -36.31 -11.13
N ALA B 214 -11.78 -36.45 -12.34
CA ALA B 214 -10.50 -37.16 -12.57
C ALA B 214 -9.90 -36.82 -13.94
N LEU B 215 -8.60 -37.10 -14.08
CA LEU B 215 -7.89 -37.11 -15.38
C LEU B 215 -7.58 -38.57 -15.74
N ARG B 216 -7.93 -38.97 -16.97
CA ARG B 216 -7.58 -40.30 -17.53
C ARG B 216 -6.22 -40.19 -18.23
N THR B 217 -5.33 -41.15 -17.96
CA THR B 217 -3.97 -41.28 -18.57
C THR B 217 -4.06 -42.17 -19.80
N LYS B 218 -3.03 -42.16 -20.66
CA LYS B 218 -2.93 -43.03 -21.87
C LYS B 218 -2.94 -44.52 -21.45
N SER B 219 -2.23 -44.89 -20.38
CA SER B 219 -2.15 -46.27 -19.84
C SER B 219 -3.53 -46.77 -19.37
N GLY B 220 -4.57 -45.94 -19.40
CA GLY B 220 -5.97 -46.33 -19.09
C GLY B 220 -6.32 -46.11 -17.62
N ARG B 221 -5.35 -45.70 -16.80
CA ARG B 221 -5.51 -45.31 -15.37
C ARG B 221 -6.32 -44.01 -15.26
N ILE B 222 -7.08 -43.87 -14.16
CA ILE B 222 -7.75 -42.59 -13.78
C ILE B 222 -7.07 -42.02 -12.53
N LEU B 223 -6.78 -40.72 -12.55
CA LEU B 223 -6.27 -39.92 -11.41
C LEU B 223 -7.43 -39.13 -10.79
N GLN B 224 -8.07 -39.69 -9.78
CA GLN B 224 -9.18 -39.01 -9.07
C GLN B 224 -8.61 -37.77 -8.39
N GLY B 225 -9.44 -36.73 -8.23
CA GLY B 225 -9.03 -35.44 -7.65
C GLY B 225 -10.21 -34.70 -7.02
N ASP B 226 -9.91 -33.61 -6.33
CA ASP B 226 -10.91 -32.71 -5.70
C ASP B 226 -10.71 -31.28 -6.22
N LEU B 227 -9.45 -30.84 -6.27
CA LEU B 227 -8.98 -29.55 -6.86
C LEU B 227 -7.98 -29.92 -7.97
N PHE B 228 -8.07 -29.24 -9.11
CA PHE B 228 -7.19 -29.49 -10.28
C PHE B 228 -6.44 -28.21 -10.58
N VAL B 229 -5.10 -28.29 -10.65
CA VAL B 229 -4.25 -27.18 -11.09
C VAL B 229 -3.82 -27.45 -12.53
N ASP B 230 -4.19 -26.55 -13.44
CA ASP B 230 -3.77 -26.56 -14.86
C ASP B 230 -2.44 -25.83 -14.98
N CYS B 231 -1.34 -26.59 -15.09
CA CYS B 231 0.01 -26.09 -15.48
C CYS B 231 0.40 -26.72 -16.82
N SER B 232 -0.53 -26.72 -17.79
CA SER B 232 -0.42 -27.47 -19.05
C SER B 232 0.10 -26.60 -20.20
N GLY B 233 0.55 -25.37 -19.90
CA GLY B 233 1.03 -24.39 -20.90
C GLY B 233 -0.10 -23.70 -21.64
N PHE B 234 0.24 -23.02 -22.75
CA PHE B 234 -0.69 -22.20 -23.58
C PHE B 234 -1.90 -23.02 -24.05
N ARG B 235 -1.77 -24.34 -24.07
CA ARG B 235 -2.82 -25.27 -24.59
C ARG B 235 -4.03 -25.16 -23.66
N GLY B 236 -3.79 -24.87 -22.37
CA GLY B 236 -4.84 -24.68 -21.34
C GLY B 236 -5.83 -25.84 -21.29
N LEU B 237 -5.33 -27.06 -21.09
CA LEU B 237 -6.09 -28.31 -21.41
C LEU B 237 -7.26 -28.47 -20.46
N LEU B 238 -7.13 -27.96 -19.22
CA LEU B 238 -8.23 -27.95 -18.23
C LEU B 238 -8.97 -26.62 -18.30
N ILE B 239 -8.28 -25.50 -18.10
CA ILE B 239 -8.98 -24.20 -17.86
C ILE B 239 -9.76 -23.76 -19.12
N ASN B 240 -9.20 -24.00 -20.32
CA ASN B 240 -9.74 -23.45 -21.59
C ASN B 240 -10.58 -24.49 -22.34
N LYS B 241 -9.98 -25.65 -22.64
CA LYS B 241 -10.61 -26.76 -23.41
C LYS B 241 -11.72 -27.38 -22.54
N ALA B 242 -11.35 -28.17 -21.53
CA ALA B 242 -12.30 -28.94 -20.71
C ALA B 242 -13.35 -28.01 -20.08
N MET B 243 -12.94 -26.94 -19.41
CA MET B 243 -13.83 -26.04 -18.61
C MET B 243 -14.48 -24.97 -19.49
N GLU B 244 -14.03 -24.82 -20.75
CA GLU B 244 -14.65 -23.90 -21.76
C GLU B 244 -14.53 -22.44 -21.27
N GLU B 245 -13.50 -22.10 -20.51
CA GLU B 245 -13.27 -20.69 -20.06
C GLU B 245 -12.56 -19.92 -21.16
N PRO B 246 -13.14 -18.79 -21.63
CA PRO B 246 -12.55 -18.02 -22.73
C PRO B 246 -11.27 -17.32 -22.27
N PHE B 247 -10.28 -17.24 -23.15
CA PHE B 247 -8.99 -16.53 -22.97
C PHE B 247 -9.10 -15.17 -23.65
N ILE B 248 -8.62 -14.13 -22.98
CA ILE B 248 -8.78 -12.73 -23.47
C ILE B 248 -7.48 -12.31 -24.14
N ASP B 249 -7.54 -12.20 -25.48
CA ASP B 249 -6.42 -11.79 -26.35
C ASP B 249 -6.11 -10.33 -26.06
N MET B 250 -4.84 -9.98 -25.85
CA MET B 250 -4.41 -8.59 -25.52
C MET B 250 -3.20 -8.19 -26.37
N SER B 251 -3.22 -8.60 -27.64
CA SER B 251 -2.33 -8.07 -28.71
C SER B 251 -2.88 -6.71 -29.17
N ASP B 252 -4.00 -6.26 -28.58
CA ASP B 252 -4.47 -4.86 -28.68
C ASP B 252 -3.73 -3.97 -27.67
N HIS B 253 -2.74 -4.52 -26.94
CA HIS B 253 -1.89 -3.79 -25.94
C HIS B 253 -0.39 -4.04 -26.15
N LEU B 254 -0.02 -5.27 -26.56
CA LEU B 254 1.38 -5.67 -26.87
C LEU B 254 1.40 -6.48 -28.16
N LEU B 255 2.28 -6.15 -29.10
CA LEU B 255 2.18 -6.69 -30.49
C LEU B 255 2.89 -8.04 -30.63
N CYS B 256 4.03 -8.23 -29.95
CA CYS B 256 4.81 -9.49 -30.05
C CYS B 256 3.96 -10.70 -29.65
N ASN B 257 4.17 -11.83 -30.33
CA ASN B 257 3.33 -13.07 -30.22
C ASN B 257 4.16 -14.31 -30.59
N SER B 258 5.47 -14.15 -30.77
CA SER B 258 6.38 -15.17 -31.33
C SER B 258 7.78 -14.91 -30.81
N ALA B 259 8.59 -15.95 -30.69
CA ALA B 259 10.03 -15.83 -30.37
C ALA B 259 10.79 -16.97 -31.05
N VAL B 260 12.12 -16.84 -31.06
CA VAL B 260 13.06 -17.85 -31.61
C VAL B 260 14.34 -17.74 -30.80
N ALA B 261 14.74 -18.82 -30.13
CA ALA B 261 15.77 -18.77 -29.07
C ALA B 261 16.86 -19.80 -29.34
N THR B 262 17.91 -19.77 -28.53
CA THR B 262 19.04 -20.73 -28.47
C THR B 262 19.97 -20.35 -27.31
N ALA B 263 20.81 -21.30 -26.90
CA ALA B 263 21.96 -21.09 -26.01
C ALA B 263 23.18 -20.81 -26.88
N VAL B 264 24.05 -19.92 -26.43
CA VAL B 264 25.28 -19.52 -27.14
C VAL B 264 26.46 -19.77 -26.20
N PRO B 265 27.40 -20.69 -26.54
CA PRO B 265 28.53 -20.94 -25.65
C PRO B 265 29.33 -19.63 -25.60
N HIS B 266 29.87 -19.28 -24.43
CA HIS B 266 30.42 -17.93 -24.13
C HIS B 266 31.71 -18.04 -23.33
N ASP B 267 32.76 -17.33 -23.76
CA ASP B 267 34.12 -17.36 -23.15
C ASP B 267 34.13 -16.43 -21.93
N ASP B 268 33.83 -16.97 -20.75
CA ASP B 268 33.66 -16.18 -19.50
C ASP B 268 35.02 -15.70 -18.98
N GLU B 269 36.11 -16.41 -19.27
CA GLU B 269 37.47 -15.97 -18.86
C GLU B 269 37.83 -14.71 -19.67
N LYS B 270 37.65 -14.78 -20.99
CA LYS B 270 37.96 -13.65 -21.93
C LYS B 270 37.15 -12.42 -21.51
N ASN B 271 35.81 -12.49 -21.59
CA ASN B 271 34.89 -11.32 -21.56
C ASN B 271 34.43 -10.95 -20.14
N GLY B 272 34.41 -11.92 -19.21
CA GLY B 272 33.66 -11.79 -17.94
C GLY B 272 32.18 -12.04 -18.16
N VAL B 273 31.40 -12.07 -17.07
CA VAL B 273 29.93 -12.36 -17.11
C VAL B 273 29.19 -11.10 -16.66
N GLU B 274 28.22 -10.66 -17.46
CA GLU B 274 27.34 -9.50 -17.16
C GLU B 274 26.38 -9.86 -16.03
N PRO B 275 26.44 -9.18 -14.86
CA PRO B 275 25.45 -9.38 -13.80
C PRO B 275 24.14 -8.64 -14.10
N TYR B 276 23.54 -8.94 -15.26
CA TYR B 276 22.26 -8.33 -15.72
C TYR B 276 21.75 -8.96 -17.03
N THR B 277 20.43 -8.87 -17.18
CA THR B 277 19.68 -9.23 -18.40
C THR B 277 19.79 -8.07 -19.36
N SER B 278 19.86 -8.34 -20.65
CA SER B 278 20.01 -7.31 -21.71
C SER B 278 18.82 -7.45 -22.67
N SER B 279 18.04 -6.38 -22.84
CA SER B 279 16.94 -6.30 -23.84
C SER B 279 17.48 -5.51 -25.03
N ILE B 280 17.93 -6.24 -26.06
CA ILE B 280 18.56 -5.68 -27.30
C ILE B 280 17.45 -5.46 -28.33
N ALA B 281 17.21 -4.20 -28.69
CA ALA B 281 16.11 -3.82 -29.61
C ALA B 281 16.45 -4.29 -31.03
N MET B 282 15.42 -4.54 -31.84
CA MET B 282 15.53 -5.30 -33.11
C MET B 282 14.58 -4.72 -34.15
N GLU B 283 14.76 -5.12 -35.41
CA GLU B 283 13.87 -4.79 -36.56
C GLU B 283 12.40 -4.78 -36.09
N ALA B 284 11.87 -5.95 -35.71
CA ALA B 284 10.42 -6.20 -35.53
C ALA B 284 10.09 -6.66 -34.10
N GLY B 285 11.04 -6.61 -33.17
CA GLY B 285 10.82 -6.93 -31.74
C GLY B 285 12.02 -6.55 -30.89
N TRP B 286 12.47 -7.46 -30.04
CA TRP B 286 13.68 -7.29 -29.20
C TRP B 286 14.29 -8.67 -28.91
N THR B 287 15.51 -8.71 -28.36
CA THR B 287 16.24 -9.97 -28.09
C THR B 287 16.79 -9.95 -26.66
N TRP B 288 16.40 -10.92 -25.83
CA TRP B 288 16.93 -11.05 -24.45
C TRP B 288 18.33 -11.66 -24.52
N LYS B 289 19.14 -11.39 -23.51
CA LYS B 289 20.47 -12.00 -23.30
C LYS B 289 20.56 -12.29 -21.80
N ILE B 290 20.61 -13.58 -21.46
CA ILE B 290 20.56 -14.07 -20.07
C ILE B 290 21.85 -14.85 -19.81
N PRO B 291 22.88 -14.15 -19.30
CA PRO B 291 24.14 -14.79 -18.93
C PRO B 291 23.95 -15.87 -17.87
N MET B 292 24.46 -17.07 -18.13
CA MET B 292 24.73 -18.14 -17.11
C MET B 292 26.21 -18.52 -17.23
N LEU B 293 26.73 -19.40 -16.36
CA LEU B 293 28.17 -19.80 -16.43
C LEU B 293 28.38 -20.65 -17.69
N GLY B 294 29.32 -20.22 -18.55
CA GLY B 294 29.76 -20.95 -19.76
C GLY B 294 28.95 -20.57 -20.98
N ARG B 295 27.70 -20.13 -20.80
CA ARG B 295 26.78 -19.84 -21.94
C ARG B 295 25.82 -18.70 -21.55
N PHE B 296 25.25 -18.01 -22.53
CA PHE B 296 24.13 -17.05 -22.32
C PHE B 296 22.94 -17.54 -23.16
N GLY B 297 21.75 -17.55 -22.56
CA GLY B 297 20.49 -17.81 -23.28
C GLY B 297 20.09 -16.55 -24.00
N SER B 298 19.54 -16.66 -25.20
CA SER B 298 19.04 -15.49 -25.96
C SER B 298 17.83 -15.88 -26.81
N GLY B 299 16.91 -14.94 -26.98
CA GLY B 299 15.72 -15.13 -27.82
C GLY B 299 15.25 -13.81 -28.40
N HIS B 300 14.94 -13.81 -29.69
CA HIS B 300 14.37 -12.65 -30.40
C HIS B 300 12.83 -12.76 -30.34
N VAL B 301 12.23 -12.05 -29.38
CA VAL B 301 10.76 -11.81 -29.31
C VAL B 301 10.40 -10.94 -30.51
N TYR B 302 9.32 -11.25 -31.25
CA TYR B 302 8.84 -10.52 -32.46
C TYR B 302 7.33 -10.67 -32.62
N SER B 303 6.72 -9.80 -33.45
CA SER B 303 5.31 -9.96 -33.92
C SER B 303 5.30 -10.62 -35.29
N ASP B 304 4.54 -11.70 -35.46
CA ASP B 304 4.45 -12.46 -36.73
C ASP B 304 3.63 -11.65 -37.75
N HIS B 305 2.98 -10.55 -37.35
CA HIS B 305 2.27 -9.61 -38.26
C HIS B 305 3.24 -8.65 -38.95
N PHE B 306 4.49 -8.53 -38.46
CA PHE B 306 5.48 -7.51 -38.90
C PHE B 306 6.81 -8.17 -39.31
N ALA B 307 6.90 -9.50 -39.24
CA ALA B 307 8.11 -10.27 -39.63
C ALA B 307 7.78 -11.76 -39.68
N THR B 308 8.17 -12.45 -40.77
CA THR B 308 8.03 -13.92 -40.93
C THR B 308 9.00 -14.60 -39.97
N GLN B 309 8.75 -15.89 -39.70
CA GLN B 309 9.63 -16.73 -38.86
C GLN B 309 11.07 -16.67 -39.38
N ASP B 310 11.26 -16.66 -40.71
CA ASP B 310 12.62 -16.70 -41.32
C ASP B 310 13.30 -15.35 -41.11
N GLU B 311 12.68 -14.26 -41.56
CA GLU B 311 13.16 -12.86 -41.35
C GLU B 311 13.74 -12.73 -39.92
N ALA B 312 12.94 -13.20 -38.95
CA ALA B 312 13.22 -13.14 -37.49
C ALA B 312 14.46 -13.97 -37.14
N THR B 313 14.56 -15.18 -37.71
CA THR B 313 15.66 -16.16 -37.46
C THR B 313 16.98 -15.64 -38.05
N LEU B 314 16.92 -15.05 -39.25
CA LEU B 314 18.12 -14.53 -39.97
C LEU B 314 18.70 -13.38 -39.15
N ALA B 315 17.84 -12.42 -38.81
CA ALA B 315 18.15 -11.24 -37.97
C ALA B 315 18.78 -11.67 -36.64
N PHE B 316 18.21 -12.71 -36.02
CA PHE B 316 18.61 -13.24 -34.69
C PHE B 316 20.04 -13.82 -34.77
N SER B 317 20.29 -14.68 -35.77
CA SER B 317 21.61 -15.31 -36.07
C SER B 317 22.64 -14.22 -36.42
N LYS B 318 22.23 -13.26 -37.25
CA LYS B 318 23.07 -12.10 -37.67
C LYS B 318 23.61 -11.41 -36.41
N LEU B 319 22.72 -11.08 -35.47
CA LEU B 319 23.01 -10.36 -34.21
C LEU B 319 24.23 -10.97 -33.52
N TRP B 320 24.30 -12.30 -33.39
CA TRP B 320 25.35 -12.98 -32.57
C TRP B 320 26.46 -13.57 -33.46
N GLY B 321 26.34 -13.43 -34.78
CA GLY B 321 27.25 -14.06 -35.75
C GLY B 321 27.13 -15.58 -35.67
N LEU B 322 25.91 -16.08 -35.76
CA LEU B 322 25.58 -17.53 -35.75
C LEU B 322 25.24 -17.94 -37.18
N ASP B 323 25.64 -19.16 -37.55
CA ASP B 323 25.33 -19.76 -38.86
C ASP B 323 23.88 -20.25 -38.81
N PRO B 324 22.96 -19.67 -39.59
CA PRO B 324 21.54 -20.11 -39.61
C PRO B 324 21.25 -21.61 -39.78
N ASP B 325 22.12 -22.36 -40.47
CA ASP B 325 21.90 -23.80 -40.84
C ASP B 325 22.86 -24.68 -40.03
N ASN B 326 23.54 -24.10 -39.03
CA ASN B 326 24.62 -24.73 -38.22
C ASN B 326 24.32 -24.49 -36.72
N THR B 327 23.10 -24.07 -36.38
CA THR B 327 22.68 -23.62 -35.03
C THR B 327 21.26 -24.12 -34.74
N GLU B 328 21.02 -24.56 -33.49
CA GLU B 328 19.74 -25.16 -33.04
C GLU B 328 18.83 -24.07 -32.45
N PHE B 329 17.60 -23.94 -32.97
CA PHE B 329 16.59 -22.91 -32.59
C PHE B 329 15.32 -23.55 -32.03
N ASN B 330 14.79 -22.98 -30.94
CA ASN B 330 13.40 -23.24 -30.43
C ASN B 330 12.48 -22.14 -30.96
N HIS B 331 11.39 -22.50 -31.64
CA HIS B 331 10.38 -21.55 -32.18
C HIS B 331 9.08 -21.66 -31.38
N VAL B 332 8.71 -20.56 -30.70
CA VAL B 332 7.56 -20.45 -29.76
C VAL B 332 6.58 -19.42 -30.30
N ARG B 333 5.32 -19.84 -30.54
CA ARG B 333 4.15 -18.93 -30.64
C ARG B 333 3.58 -18.85 -29.23
N PHE B 334 3.22 -17.66 -28.75
CA PHE B 334 2.67 -17.50 -27.38
C PHE B 334 1.44 -16.60 -27.40
N ARG B 335 0.50 -16.88 -26.50
CA ARG B 335 -0.68 -16.04 -26.23
C ARG B 335 -0.21 -14.88 -25.40
N VAL B 336 -0.71 -13.68 -25.70
CA VAL B 336 -0.56 -12.50 -24.81
C VAL B 336 -1.93 -12.10 -24.30
N GLY B 337 -2.10 -12.20 -23.00
CA GLY B 337 -3.39 -11.96 -22.33
C GLY B 337 -3.52 -12.89 -21.15
N ARG B 338 -4.75 -13.26 -20.85
CA ARG B 338 -5.10 -13.98 -19.61
C ARG B 338 -6.52 -14.50 -19.74
N ASN B 339 -6.83 -15.55 -18.98
CA ASN B 339 -8.20 -16.13 -18.94
C ASN B 339 -9.14 -15.05 -18.41
N ARG B 340 -10.39 -15.09 -18.88
CA ARG B 340 -11.48 -14.25 -18.34
C ARG B 340 -11.42 -14.38 -16.82
N ARG B 341 -11.23 -15.60 -16.32
CA ARG B 341 -10.98 -15.94 -14.90
C ARG B 341 -9.91 -17.04 -14.80
N ALA B 342 -9.00 -16.93 -13.83
CA ALA B 342 -7.85 -17.86 -13.66
C ALA B 342 -8.37 -19.19 -13.11
N TRP B 343 -9.37 -19.10 -12.23
CA TRP B 343 -9.92 -20.21 -11.42
C TRP B 343 -11.42 -20.33 -11.75
N VAL B 344 -11.83 -21.46 -12.33
CA VAL B 344 -13.27 -21.80 -12.59
C VAL B 344 -13.61 -23.13 -11.90
N ARG B 345 -14.76 -23.18 -11.23
CA ARG B 345 -15.20 -24.34 -10.41
C ARG B 345 -13.98 -24.86 -9.60
N ASN B 346 -13.42 -26.02 -9.95
CA ASN B 346 -12.29 -26.65 -9.19
C ASN B 346 -11.06 -26.78 -10.10
N CYS B 347 -10.97 -25.92 -11.11
CA CYS B 347 -9.79 -25.79 -12.00
C CYS B 347 -9.09 -24.45 -11.77
N VAL B 348 -7.90 -24.44 -11.15
CA VAL B 348 -7.04 -23.24 -10.94
C VAL B 348 -5.89 -23.26 -11.95
N SER B 349 -5.74 -22.21 -12.76
CA SER B 349 -4.65 -22.08 -13.76
C SER B 349 -3.44 -21.34 -13.17
N VAL B 350 -2.24 -21.77 -13.54
CA VAL B 350 -0.95 -21.24 -13.02
C VAL B 350 0.07 -21.28 -14.16
N GLY B 351 0.78 -20.17 -14.39
CA GLY B 351 1.77 -20.06 -15.48
C GLY B 351 1.07 -19.85 -16.81
N LEU B 352 1.59 -20.42 -17.88
CA LEU B 352 1.22 -20.05 -19.27
C LEU B 352 -0.28 -20.28 -19.50
N ALA B 353 -0.84 -21.31 -18.86
CA ALA B 353 -2.28 -21.65 -18.91
C ALA B 353 -3.14 -20.54 -18.28
N SER B 354 -2.58 -19.74 -17.36
CA SER B 354 -3.30 -18.64 -16.67
C SER B 354 -3.22 -17.38 -17.53
N CYS B 355 -1.99 -16.98 -17.87
CA CYS B 355 -1.70 -15.66 -18.49
C CYS B 355 -0.21 -15.55 -18.83
N PHE B 356 0.13 -14.67 -19.77
CA PHE B 356 1.52 -14.50 -20.25
C PHE B 356 1.72 -13.11 -20.87
N VAL B 357 2.95 -12.61 -20.71
CA VAL B 357 3.52 -11.44 -21.42
C VAL B 357 4.98 -11.76 -21.78
N GLU B 358 5.43 -11.25 -22.93
CA GLU B 358 6.87 -11.25 -23.30
C GLU B 358 7.72 -10.96 -22.06
N PRO B 359 8.85 -11.68 -21.88
CA PRO B 359 9.64 -11.59 -20.64
C PRO B 359 10.52 -10.34 -20.59
N LEU B 360 9.94 -9.18 -20.87
CA LEU B 360 10.66 -7.89 -21.08
C LEU B 360 11.14 -7.36 -19.72
N GLU B 361 10.34 -7.55 -18.67
CA GLU B 361 10.72 -7.15 -17.29
C GLU B 361 10.74 -8.38 -16.39
N SER B 362 10.72 -9.58 -16.98
CA SER B 362 11.10 -10.85 -16.32
C SER B 362 10.00 -11.24 -15.34
N SER B 363 8.77 -11.26 -15.83
CA SER B 363 7.59 -11.40 -14.95
C SER B 363 7.06 -12.85 -15.02
N GLY B 364 7.53 -13.65 -15.99
CA GLY B 364 7.12 -15.06 -16.21
C GLY B 364 7.04 -15.88 -14.92
N ILE B 365 8.15 -15.98 -14.17
CA ILE B 365 8.26 -16.80 -12.93
C ILE B 365 7.51 -16.08 -11.79
N TYR B 366 7.65 -14.76 -11.67
CA TYR B 366 6.93 -13.97 -10.63
C TYR B 366 5.46 -14.36 -10.67
N PHE B 367 4.87 -14.44 -11.86
CA PHE B 367 3.43 -14.77 -12.06
C PHE B 367 3.13 -16.13 -11.45
N ILE B 368 4.06 -17.09 -11.59
CA ILE B 368 3.85 -18.48 -11.08
C ILE B 368 3.76 -18.44 -9.55
N TYR B 369 4.74 -17.90 -8.82
CA TYR B 369 4.72 -17.96 -7.33
C TYR B 369 3.76 -16.91 -6.74
N ALA B 370 3.44 -15.87 -7.49
CA ALA B 370 2.36 -14.94 -7.14
C ALA B 370 1.06 -15.74 -7.08
N ALA B 371 0.77 -16.50 -8.16
CA ALA B 371 -0.47 -17.29 -8.30
C ALA B 371 -0.52 -18.36 -7.21
N ILE B 372 0.54 -19.14 -7.09
CA ILE B 372 0.68 -20.21 -6.08
C ILE B 372 0.41 -19.63 -4.69
N HIS B 373 1.04 -18.50 -4.37
CA HIS B 373 0.96 -17.87 -3.03
C HIS B 373 -0.50 -17.53 -2.75
N MET B 374 -1.17 -16.95 -3.75
CA MET B 374 -2.58 -16.51 -3.67
C MET B 374 -3.52 -17.73 -3.57
N LEU B 375 -3.17 -18.84 -4.26
CA LEU B 375 -3.88 -20.15 -4.16
C LEU B 375 -3.82 -20.68 -2.71
N ALA B 376 -2.64 -20.77 -2.10
CA ALA B 376 -2.51 -21.23 -0.70
C ALA B 376 -3.33 -20.33 0.26
N LYS B 377 -3.45 -19.03 -0.04
CA LYS B 377 -4.10 -18.05 0.88
C LYS B 377 -5.61 -18.21 0.73
N HIS B 378 -6.07 -18.36 -0.51
CA HIS B 378 -7.49 -18.57 -0.89
C HIS B 378 -7.79 -20.07 -1.00
N PHE B 379 -6.98 -20.93 -0.39
CA PHE B 379 -7.18 -22.39 -0.54
C PHE B 379 -8.58 -22.71 -0.04
N PRO B 380 -9.34 -23.48 -0.84
CA PRO B 380 -10.74 -23.79 -0.54
C PRO B 380 -10.93 -25.12 0.18
N ASP B 381 -12.14 -25.35 0.69
CA ASP B 381 -12.67 -26.71 0.94
C ASP B 381 -13.58 -27.04 -0.23
N LYS B 382 -14.37 -28.12 -0.13
CA LYS B 382 -15.11 -28.70 -1.28
C LYS B 382 -16.35 -27.86 -1.61
N THR B 383 -16.77 -26.92 -0.75
CA THR B 383 -17.94 -26.03 -1.06
C THR B 383 -17.53 -24.97 -2.09
N PHE B 384 -16.24 -24.87 -2.41
CA PHE B 384 -15.63 -23.84 -3.29
C PHE B 384 -16.39 -22.52 -3.17
N ASP B 385 -16.42 -21.93 -1.97
CA ASP B 385 -17.02 -20.59 -1.68
C ASP B 385 -16.71 -19.67 -2.88
N LYS B 386 -17.75 -19.16 -3.54
CA LYS B 386 -17.69 -18.28 -4.74
C LYS B 386 -16.69 -17.15 -4.51
N VAL B 387 -16.73 -16.55 -3.31
CA VAL B 387 -15.98 -15.33 -2.89
C VAL B 387 -14.49 -15.65 -2.90
N LEU B 388 -14.10 -16.72 -2.21
CA LEU B 388 -12.73 -17.27 -2.21
C LEU B 388 -12.19 -17.32 -3.65
N VAL B 389 -12.94 -17.95 -4.55
CA VAL B 389 -12.50 -18.14 -5.97
C VAL B 389 -12.40 -16.76 -6.63
N ASP B 390 -13.40 -15.89 -6.41
CA ASP B 390 -13.48 -14.53 -6.99
C ASP B 390 -12.27 -13.69 -6.55
N ARG B 391 -12.05 -13.58 -5.24
CA ARG B 391 -10.94 -12.78 -4.66
C ARG B 391 -9.63 -13.21 -5.31
N PHE B 392 -9.41 -14.52 -5.48
CA PHE B 392 -8.23 -15.06 -6.19
C PHE B 392 -8.21 -14.52 -7.63
N ASN B 393 -9.31 -14.70 -8.36
CA ASN B 393 -9.41 -14.27 -9.79
C ASN B 393 -9.04 -12.79 -9.89
N ARG B 394 -9.56 -11.97 -8.95
CA ARG B 394 -9.36 -10.50 -8.88
C ARG B 394 -7.87 -10.17 -8.73
N GLU B 395 -7.19 -10.81 -7.80
CA GLU B 395 -5.73 -10.63 -7.58
C GLU B 395 -4.96 -10.99 -8.85
N ILE B 396 -5.37 -12.04 -9.57
CA ILE B 396 -4.61 -12.46 -10.78
C ILE B 396 -4.78 -11.38 -11.86
N GLU B 397 -6.00 -10.83 -12.03
CA GLU B 397 -6.23 -9.88 -13.15
C GLU B 397 -5.50 -8.56 -12.84
N GLU B 398 -5.64 -8.04 -11.62
CA GLU B 398 -4.91 -6.81 -11.19
C GLU B 398 -3.40 -6.99 -11.42
N MET B 399 -2.84 -8.05 -10.87
CA MET B 399 -1.41 -8.37 -11.04
C MET B 399 -1.01 -8.29 -12.52
N PHE B 400 -1.75 -9.02 -13.36
CA PHE B 400 -1.42 -9.19 -14.78
C PHE B 400 -1.55 -7.87 -15.52
N ASP B 401 -2.70 -7.21 -15.36
CA ASP B 401 -3.03 -5.94 -16.07
C ASP B 401 -1.95 -4.90 -15.72
N ASP B 402 -1.54 -4.85 -14.47
CA ASP B 402 -0.48 -3.94 -14.01
C ASP B 402 0.74 -4.15 -14.89
N THR B 403 1.25 -5.40 -14.96
CA THR B 403 2.54 -5.75 -15.62
C THR B 403 2.40 -5.56 -17.14
N ARG B 404 1.22 -5.86 -17.69
CA ARG B 404 0.85 -5.57 -19.09
C ARG B 404 1.06 -4.07 -19.41
N ASP B 405 0.37 -3.20 -18.66
CA ASP B 405 0.43 -1.71 -18.79
C ASP B 405 1.86 -1.20 -18.63
N PHE B 406 2.66 -1.77 -17.74
CA PHE B 406 4.08 -1.35 -17.59
C PHE B 406 4.83 -1.64 -18.90
N LEU B 407 4.60 -2.84 -19.44
CA LEU B 407 5.31 -3.30 -20.65
C LEU B 407 4.91 -2.38 -21.81
N GLN B 408 3.62 -2.10 -21.96
CA GLN B 408 3.12 -1.21 -23.05
C GLN B 408 3.99 0.07 -23.04
N ALA B 409 4.16 0.68 -21.85
CA ALA B 409 4.94 1.93 -21.67
C ALA B 409 6.32 1.78 -22.33
N HIS B 410 6.98 0.63 -22.17
CA HIS B 410 8.31 0.34 -22.79
C HIS B 410 8.27 0.65 -24.30
N TYR B 411 7.19 0.24 -24.99
CA TYR B 411 7.04 0.34 -26.46
C TYR B 411 6.57 1.75 -26.82
N TYR B 412 5.41 2.12 -26.30
CA TYR B 412 4.64 3.31 -26.73
C TYR B 412 5.45 4.61 -26.61
N PHE B 413 6.38 4.70 -25.65
CA PHE B 413 7.22 5.91 -25.41
C PHE B 413 8.66 5.67 -25.90
N SER B 414 8.88 4.63 -26.69
CA SER B 414 10.06 4.52 -27.59
C SER B 414 9.96 5.63 -28.62
N PRO B 415 11.03 6.42 -28.86
CA PRO B 415 11.01 7.41 -29.93
C PRO B 415 11.02 6.78 -31.34
N ARG B 416 11.63 5.59 -31.49
CA ARG B 416 11.73 4.84 -32.77
C ARG B 416 10.41 4.88 -33.56
N VAL B 417 10.50 5.21 -34.86
CA VAL B 417 9.37 5.17 -35.82
C VAL B 417 9.89 4.74 -37.21
N ASP B 418 10.94 3.91 -37.21
CA ASP B 418 11.73 3.53 -38.40
C ASP B 418 11.49 2.06 -38.77
N THR B 419 10.25 1.55 -38.73
CA THR B 419 9.86 0.13 -39.01
C THR B 419 8.37 -0.02 -38.81
N PRO B 420 7.62 -0.76 -39.66
CA PRO B 420 6.18 -0.85 -39.49
C PRO B 420 5.78 -1.21 -38.04
N PHE B 421 6.52 -2.15 -37.43
CA PHE B 421 6.40 -2.57 -35.99
C PHE B 421 6.41 -1.34 -35.07
N TRP B 422 7.54 -0.65 -34.97
CA TRP B 422 7.76 0.45 -33.99
C TRP B 422 6.67 1.52 -34.11
N ARG B 423 6.18 1.76 -35.33
CA ARG B 423 5.16 2.80 -35.61
C ARG B 423 3.79 2.27 -35.17
N ALA B 424 3.53 0.97 -35.37
CA ALA B 424 2.22 0.34 -35.09
C ALA B 424 1.96 0.38 -33.59
N ASN B 425 3.04 0.29 -32.79
CA ASN B 425 3.01 0.33 -31.30
C ASN B 425 2.26 1.59 -30.84
N LYS B 426 2.52 2.72 -31.52
CA LYS B 426 1.96 4.06 -31.17
C LYS B 426 0.53 4.17 -31.66
N GLU B 427 0.08 3.26 -32.53
CA GLU B 427 -1.31 3.20 -33.06
C GLU B 427 -2.21 2.48 -32.04
N LEU B 428 -1.63 1.71 -31.12
CA LEU B 428 -2.41 0.98 -30.08
C LEU B 428 -2.91 1.98 -29.03
N LYS B 429 -4.08 1.70 -28.45
CA LYS B 429 -4.65 2.46 -27.31
C LYS B 429 -3.84 2.21 -26.03
N LEU B 430 -3.36 3.27 -25.37
CA LEU B 430 -2.85 3.18 -23.97
C LEU B 430 -4.02 2.80 -23.05
N ALA B 431 -3.78 1.92 -22.10
CA ALA B 431 -4.79 1.63 -21.06
C ALA B 431 -4.88 2.90 -20.22
N ASP B 432 -6.05 3.18 -19.64
CA ASP B 432 -6.28 4.35 -18.74
C ASP B 432 -5.23 4.36 -17.62
N SER B 433 -5.01 3.26 -16.91
CA SER B 433 -4.09 3.21 -15.75
C SER B 433 -2.78 3.90 -16.14
N ILE B 434 -2.20 3.55 -17.29
CA ILE B 434 -0.82 3.98 -17.67
C ILE B 434 -0.87 5.42 -18.24
N LYS B 435 -2.02 5.78 -18.83
CA LYS B 435 -2.31 7.15 -19.29
C LYS B 435 -2.31 8.07 -18.07
N ASP B 436 -3.06 7.72 -17.03
CA ASP B 436 -3.15 8.50 -15.76
C ASP B 436 -1.74 8.63 -15.14
N LYS B 437 -0.94 7.56 -15.16
CA LYS B 437 0.41 7.55 -14.54
C LYS B 437 1.35 8.46 -15.31
N VAL B 438 1.19 8.53 -16.63
CA VAL B 438 2.08 9.37 -17.48
C VAL B 438 1.72 10.82 -17.18
N GLU B 439 0.41 11.12 -17.15
CA GLU B 439 -0.10 12.48 -16.84
C GLU B 439 0.48 12.92 -15.50
N THR B 440 0.43 12.04 -14.51
CA THR B 440 1.04 12.27 -13.18
C THR B 440 2.54 12.58 -13.39
N TYR B 441 3.27 11.70 -14.06
CA TYR B 441 4.75 11.77 -14.21
C TYR B 441 5.14 13.12 -14.82
N ARG B 442 4.35 13.59 -15.79
CA ARG B 442 4.59 14.81 -16.61
C ARG B 442 4.48 16.05 -15.73
N ALA B 443 3.58 16.04 -14.75
CA ALA B 443 3.41 17.13 -13.77
C ALA B 443 4.60 17.17 -12.81
N GLY B 444 5.50 16.19 -12.86
CA GLY B 444 6.76 16.16 -12.07
C GLY B 444 6.59 15.40 -10.77
N LEU B 445 5.35 14.96 -10.49
CA LEU B 445 4.96 14.16 -9.31
C LEU B 445 5.60 12.78 -9.42
N PRO B 446 5.75 12.09 -8.26
CA PRO B 446 6.12 10.68 -8.25
C PRO B 446 4.95 9.80 -8.68
N VAL B 447 5.26 8.55 -9.01
CA VAL B 447 4.31 7.53 -9.54
C VAL B 447 4.44 6.25 -8.70
N ASN B 448 3.46 5.98 -7.84
CA ASN B 448 3.44 4.83 -6.89
C ASN B 448 4.69 4.89 -6.02
N LEU B 449 4.75 5.85 -5.10
CA LEU B 449 5.89 5.92 -4.15
C LEU B 449 6.00 4.55 -3.49
N PRO B 450 7.21 3.98 -3.32
CA PRO B 450 7.32 2.66 -2.69
C PRO B 450 6.93 2.71 -1.20
N VAL B 451 6.47 1.59 -0.65
CA VAL B 451 5.90 1.53 0.74
C VAL B 451 6.92 0.98 1.74
N THR B 452 8.12 0.60 1.27
CA THR B 452 9.24 0.06 2.10
C THR B 452 10.24 1.18 2.36
N ASP B 453 10.74 1.29 3.61
CA ASP B 453 11.61 2.38 4.13
C ASP B 453 12.13 3.27 2.99
N ASN B 460 6.77 -8.21 4.34
CA ASN B 460 5.89 -9.35 3.98
C ASN B 460 5.39 -9.19 2.53
N PHE B 461 5.09 -10.31 1.87
CA PHE B 461 4.83 -10.42 0.40
C PHE B 461 3.60 -9.59 -0.01
N GLU B 462 2.62 -9.41 0.88
CA GLU B 462 1.46 -8.50 0.64
C GLU B 462 1.96 -7.16 0.06
N ALA B 463 2.94 -6.54 0.72
CA ALA B 463 3.54 -5.23 0.35
C ALA B 463 4.15 -5.28 -1.05
N GLU B 464 5.01 -6.29 -1.32
CA GLU B 464 5.76 -6.43 -2.59
C GLU B 464 4.75 -6.52 -3.76
N PHE B 465 3.69 -7.35 -3.66
CA PHE B 465 2.80 -7.78 -4.78
C PHE B 465 1.79 -6.67 -5.16
N ARG B 466 1.18 -6.02 -4.17
CA ARG B 466 0.23 -4.89 -4.37
C ARG B 466 0.91 -3.77 -5.16
N ASN B 467 1.97 -3.21 -4.56
CA ASN B 467 2.74 -2.04 -5.06
C ASN B 467 3.98 -2.56 -5.78
N PHE B 468 3.88 -3.17 -6.99
CA PHE B 468 4.98 -3.96 -7.60
C PHE B 468 5.88 -3.10 -8.50
N TRP B 469 5.30 -2.33 -9.42
CA TRP B 469 6.02 -1.29 -10.19
C TRP B 469 5.88 0.06 -9.47
N THR B 470 6.99 0.63 -9.03
CA THR B 470 6.99 1.86 -8.22
C THR B 470 7.80 2.99 -8.91
N ASN B 471 7.80 4.15 -8.27
CA ASN B 471 8.36 5.44 -8.76
C ASN B 471 9.67 5.20 -9.51
N GLY B 472 10.62 4.55 -8.87
CA GLY B 472 11.96 4.28 -9.44
C GLY B 472 11.90 3.48 -10.73
N SER B 473 11.03 2.49 -10.80
CA SER B 473 10.89 1.63 -12.01
C SER B 473 10.31 2.50 -13.13
N TYR B 474 9.44 3.46 -12.81
CA TYR B 474 8.81 4.32 -13.83
C TYR B 474 9.86 5.31 -14.34
N TYR B 475 10.66 5.91 -13.45
CA TYR B 475 11.72 6.85 -13.86
C TYR B 475 12.72 6.09 -14.76
N CYS B 476 13.25 4.97 -14.28
CA CYS B 476 14.12 4.03 -15.05
C CYS B 476 13.69 3.94 -16.53
N ILE B 477 12.41 3.73 -16.81
CA ILE B 477 11.91 3.41 -18.17
C ILE B 477 11.61 4.72 -18.91
N PHE B 478 10.72 5.56 -18.36
CA PHE B 478 10.36 6.88 -18.93
C PHE B 478 11.65 7.67 -19.23
N ALA B 479 12.43 8.01 -18.19
CA ALA B 479 13.72 8.72 -18.31
C ALA B 479 14.62 8.01 -19.34
N GLY B 480 14.83 6.70 -19.15
CA GLY B 480 15.66 5.88 -20.03
C GLY B 480 15.30 6.06 -21.49
N LEU B 481 14.01 6.14 -21.82
CA LEU B 481 13.50 6.31 -23.20
C LEU B 481 13.47 7.80 -23.56
N GLY B 482 13.80 8.68 -22.61
CA GLY B 482 13.85 10.14 -22.80
C GLY B 482 12.50 10.86 -22.63
N LEU B 483 11.44 10.18 -22.19
CA LEU B 483 10.22 10.87 -21.70
C LEU B 483 10.56 11.50 -20.37
N MET B 484 10.30 12.81 -20.22
CA MET B 484 10.64 13.58 -19.00
C MET B 484 9.41 14.37 -18.54
N PRO B 485 9.39 14.79 -17.26
CA PRO B 485 8.38 15.73 -16.80
C PRO B 485 8.41 17.02 -17.63
N ARG B 486 7.21 17.61 -17.85
CA ARG B 486 7.05 19.00 -18.38
C ARG B 486 8.00 19.95 -17.65
N ASN B 487 8.15 19.78 -16.32
CA ASN B 487 8.93 20.70 -15.43
C ASN B 487 9.30 20.02 -14.11
N PRO B 488 10.26 20.54 -13.34
CA PRO B 488 10.60 19.97 -12.04
C PRO B 488 9.40 19.91 -11.10
N LEU B 489 9.47 19.12 -10.03
CA LEU B 489 8.40 19.12 -9.01
C LEU B 489 8.38 20.52 -8.40
N PRO B 490 7.27 21.30 -8.56
CA PRO B 490 7.21 22.67 -8.07
C PRO B 490 7.68 22.86 -6.64
N ALA B 491 7.34 21.94 -5.73
CA ALA B 491 7.73 22.04 -4.30
C ALA B 491 9.24 22.25 -4.20
N LEU B 492 10.02 21.76 -5.17
CA LEU B 492 11.50 21.79 -5.07
C LEU B 492 12.00 23.24 -5.15
N ALA B 493 11.21 24.11 -5.77
CA ALA B 493 11.55 25.53 -5.97
C ALA B 493 11.52 26.28 -4.64
N TYR B 494 11.06 25.64 -3.54
CA TYR B 494 10.86 26.26 -2.20
C TYR B 494 11.73 25.57 -1.15
N LYS B 495 12.56 24.61 -1.55
CA LYS B 495 13.26 23.70 -0.59
C LYS B 495 14.76 23.72 -0.84
N PRO B 496 15.42 24.89 -0.72
CA PRO B 496 16.84 25.02 -1.02
C PRO B 496 17.71 24.11 -0.14
N GLN B 497 17.35 23.99 1.14
CA GLN B 497 18.05 23.10 2.10
C GLN B 497 17.98 21.67 1.54
N SER B 498 16.79 21.27 1.07
CA SER B 498 16.51 19.91 0.55
C SER B 498 17.38 19.65 -0.69
N ILE B 499 17.47 20.61 -1.62
CA ILE B 499 18.35 20.51 -2.82
C ILE B 499 19.79 20.19 -2.38
N ALA B 500 20.29 20.92 -1.38
CA ALA B 500 21.65 20.77 -0.80
C ALA B 500 21.86 19.34 -0.27
N GLU B 501 20.96 18.90 0.61
CA GLU B 501 20.92 17.53 1.20
C GLU B 501 20.98 16.49 0.07
N ALA B 502 20.36 16.77 -1.07
CA ALA B 502 20.26 15.86 -2.24
C ALA B 502 21.63 15.73 -2.90
N GLU B 503 22.40 16.83 -2.97
CA GLU B 503 23.77 16.82 -3.57
C GLU B 503 24.62 15.84 -2.76
N LEU B 504 24.54 15.92 -1.43
CA LEU B 504 25.32 15.00 -0.55
C LEU B 504 24.87 13.56 -0.84
N LEU B 505 23.62 13.35 -1.25
CA LEU B 505 23.13 12.00 -1.65
C LEU B 505 23.72 11.60 -3.00
N PHE B 506 23.81 12.51 -3.98
CA PHE B 506 24.40 12.24 -5.32
C PHE B 506 25.88 11.87 -5.18
N ALA B 507 26.52 12.50 -4.18
CA ALA B 507 27.93 12.30 -3.82
C ALA B 507 28.11 10.92 -3.18
N ASP B 508 27.30 10.63 -2.15
CA ASP B 508 27.21 9.32 -1.45
C ASP B 508 27.09 8.20 -2.49
N VAL B 509 26.31 8.40 -3.55
CA VAL B 509 26.11 7.41 -4.65
C VAL B 509 27.45 7.21 -5.38
N LYS B 510 28.09 8.31 -5.80
CA LYS B 510 29.36 8.24 -6.56
C LYS B 510 30.39 7.49 -5.72
N ARG B 511 30.49 7.82 -4.44
CA ARG B 511 31.48 7.27 -3.48
C ARG B 511 31.20 5.77 -3.34
N LYS B 512 29.95 5.42 -3.04
CA LYS B 512 29.51 4.00 -2.85
C LYS B 512 29.92 3.21 -4.09
N GLY B 513 29.65 3.71 -5.30
CA GLY B 513 29.91 3.03 -6.58
C GLY B 513 31.41 2.83 -6.82
N ASP B 514 32.23 3.81 -6.45
CA ASP B 514 33.70 3.77 -6.70
C ASP B 514 34.33 2.84 -5.67
N THR B 515 33.94 2.93 -4.39
CA THR B 515 34.47 2.05 -3.29
C THR B 515 34.15 0.59 -3.60
N LEU B 516 33.01 0.31 -4.25
CA LEU B 516 32.53 -1.07 -4.54
C LEU B 516 33.12 -1.54 -5.88
N VAL B 517 33.14 -0.69 -6.91
CA VAL B 517 33.80 -1.07 -8.20
C VAL B 517 35.26 -1.44 -7.91
N GLU B 518 35.86 -0.91 -6.84
CA GLU B 518 37.21 -1.30 -6.33
C GLU B 518 37.15 -2.65 -5.62
N SER B 519 36.43 -2.70 -4.48
CA SER B 519 36.57 -3.74 -3.43
C SER B 519 35.81 -5.02 -3.77
N LEU B 520 34.82 -4.97 -4.67
CA LEU B 520 33.94 -6.14 -5.01
C LEU B 520 34.70 -7.11 -5.90
N PRO B 521 34.49 -8.45 -5.74
CA PRO B 521 34.90 -9.43 -6.74
C PRO B 521 34.12 -9.20 -8.04
N SER B 522 34.62 -9.73 -9.16
CA SER B 522 33.87 -9.72 -10.45
C SER B 522 32.77 -10.78 -10.33
N THR B 523 31.71 -10.65 -11.14
CA THR B 523 30.66 -11.69 -11.31
C THR B 523 31.39 -13.03 -11.49
N TYR B 524 32.20 -13.11 -12.54
CA TYR B 524 32.92 -14.34 -12.99
C TYR B 524 33.62 -15.03 -11.81
N ASP B 525 34.30 -14.26 -10.96
CA ASP B 525 35.05 -14.80 -9.79
C ASP B 525 34.07 -15.40 -8.78
N LEU B 526 32.92 -14.76 -8.53
CA LEU B 526 31.91 -15.25 -7.54
C LEU B 526 31.24 -16.52 -8.07
N LEU B 527 30.88 -16.56 -9.35
CA LEU B 527 30.27 -17.76 -9.99
C LEU B 527 31.22 -18.95 -9.82
N ARG B 528 32.49 -18.77 -10.20
CA ARG B 528 33.57 -19.80 -10.11
C ARG B 528 33.61 -20.37 -8.68
N GLN B 529 33.60 -19.52 -7.65
CA GLN B 529 33.58 -19.94 -6.21
C GLN B 529 32.32 -20.78 -5.95
N LEU B 530 31.14 -20.23 -6.29
CA LEU B 530 29.80 -20.82 -6.02
C LEU B 530 29.66 -22.20 -6.67
N HIS B 531 30.10 -22.36 -7.93
CA HIS B 531 30.03 -23.64 -8.69
C HIS B 531 31.34 -24.45 -8.52
N GLY B 532 31.90 -24.46 -7.29
CA GLY B 532 33.16 -25.13 -6.94
C GLY B 532 33.71 -24.69 -5.59
C1 GOL C . -13.62 35.81 10.54
O1 GOL C . -14.71 35.98 9.65
C2 GOL C . -12.68 34.68 10.14
O2 GOL C . -11.42 34.80 10.80
C3 GOL C . -13.28 33.31 10.40
O3 GOL C . -12.30 32.28 10.32
C10 LT0 D . -3.00 0.08 11.77
C13 LT0 D . -2.66 3.74 11.95
C15 LT0 D . -4.67 3.97 13.07
C17 LT0 D . -6.65 3.55 14.46
C20 LT0 D . -4.20 2.66 13.26
C12 LT0 D . -2.92 2.54 12.55
C19 LT0 D . -5.03 1.80 14.06
C11 LT0 D . -2.14 1.29 12.44
N14 LT0 D . -3.69 4.65 12.26
O01 LT0 D . -1.45 -0.71 10.17
C02 LT0 D . -2.17 -1.09 11.08
N03 LT0 D . -2.25 -2.52 11.40
C04 LT0 D . -3.10 -3.31 12.47
C05 LT0 D . -4.65 -2.75 12.87
O06 LT0 D . -4.90 -2.56 14.31
C07 LT0 D . -3.14 -4.83 11.87
O08 LT0 D . -4.08 -5.13 11.11
O09 LT0 D . -2.19 -5.57 12.16
C16 LT0 D . -5.89 4.42 13.67
C18 LT0 D . -6.22 2.22 14.64
N21 LT0 D . -4.05 0.61 10.76
P PO4 E . 10.24 5.67 21.44
O1 PO4 E . 9.33 6.89 21.34
O2 PO4 E . 9.66 4.51 20.61
O3 PO4 E . 11.65 5.99 20.90
O4 PO4 E . 10.34 5.26 22.91
C1 GOL F . 9.26 -16.04 -24.04
O1 GOL F . 8.46 -16.55 -25.12
C2 GOL F . 10.09 -17.13 -23.40
O2 GOL F . 9.30 -18.32 -23.42
C3 GOL F . 10.56 -16.81 -22.00
O3 GOL F . 11.88 -17.29 -21.71
#